data_2A6K
#
_entry.id   2A6K
#
_cell.length_a   53.135
_cell.length_b   144.920
_cell.length_c   70.991
_cell.angle_alpha   90.00
_cell.angle_beta   104.35
_cell.angle_gamma   90.00
#
_symmetry.space_group_name_H-M   'P 1 21 1'
#
loop_
_entity.id
_entity.type
_entity.pdbx_description
1 polymer 'Germline antibody 36-65 Fab light chain'
2 polymer 'Germline antibody 36-65 Fab heavy chain'
3 polymer 'DODECAPEPTIDE: SLGDNLTNHNLR'
4 water water
#
loop_
_entity_poly.entity_id
_entity_poly.type
_entity_poly.pdbx_seq_one_letter_code
_entity_poly.pdbx_strand_id
1 'polypeptide(L)'
;DIQMTQTTSSLSASLGDRVTISCRASQDISNYLNWYQQKPDGTVKLLIYYTSRLHSGVPSRFSGSGSGTDYSLTISNLEQ
EDIATYFCQQGNTLPRTFGGGTKLEIKRADAAPTVSIFPPSSEQLTSGGASVVCFLNNFYPKDINVKWKIDGSERQNGVL
NSWTDQDSKDSTYSMSSTLTLTKDEYERHNSYTCEATHKTSTSPIVKSFNRNEC
;
A,L
2 'polypeptide(L)'
;EVQLQQSGAELVRAGSSVKMSCKASGYTFTSYGINWVKQRPGQGLEWIGYINPGNGYTKYNEKFKGKTTLTVDKSSSTAY
MQLRSLTSEDSAVYFCARSVYYGGSYYFDYWGQGTTLTVSSAKTTPPSVYPLAPGSAAQTNSMVTLGCLVKGYFPEPVTV
TWNSGSLSSGVHTFPAVLQSDLYTLSSSVTVPSSPRPSETVTCNVAHPASSTKVDKKIVPRD
;
B,H
3 'polypeptide(L)' SLGDNLTNHNLR P
#
# COMPACT_ATOMS: atom_id res chain seq x y z
N ASP A 1 -29.48 17.04 -5.54
CA ASP A 1 -28.20 17.10 -4.78
C ASP A 1 -28.33 16.43 -3.42
N ILE A 2 -27.31 16.61 -2.60
CA ILE A 2 -27.26 16.04 -1.27
C ILE A 2 -27.75 17.04 -0.22
N GLN A 3 -28.86 16.71 0.46
CA GLN A 3 -29.40 17.60 1.49
C GLN A 3 -28.75 17.34 2.84
N MET A 4 -28.27 18.41 3.47
CA MET A 4 -27.61 18.33 4.78
C MET A 4 -28.57 18.81 5.87
N THR A 5 -28.84 17.95 6.84
CA THR A 5 -29.77 18.30 7.89
C THR A 5 -29.15 18.38 9.28
N GLN A 6 -29.42 19.51 9.93
CA GLN A 6 -28.93 19.78 11.27
C GLN A 6 -30.13 19.94 12.21
N THR A 7 -30.57 18.84 12.82
CA THR A 7 -31.70 18.89 13.74
C THR A 7 -31.26 19.72 14.95
N THR A 8 -31.97 20.82 15.19
CA THR A 8 -31.70 21.77 16.27
C THR A 8 -31.12 23.04 15.66
N SER A 9 -31.93 24.08 15.62
CA SER A 9 -31.49 25.36 15.08
C SER A 9 -30.69 26.00 16.21
N SER A 10 -31.30 25.98 17.40
CA SER A 10 -30.73 26.57 18.60
C SER A 10 -30.42 25.46 19.60
N LEU A 11 -29.25 25.50 20.24
CA LEU A 11 -28.90 24.49 21.23
C LEU A 11 -28.37 25.13 22.52
N SER A 12 -28.93 24.73 23.65
CA SER A 12 -28.55 25.30 24.95
C SER A 12 -27.48 24.54 25.70
N ALA A 13 -26.61 25.29 26.39
CA ALA A 13 -25.53 24.71 27.19
C ALA A 13 -24.97 25.74 28.16
N SER A 14 -24.27 25.25 29.19
CA SER A 14 -23.66 26.12 30.19
C SER A 14 -22.18 26.16 29.82
N LEU A 15 -21.40 27.09 30.39
CA LEU A 15 -19.99 27.12 30.06
C LEU A 15 -19.29 26.00 30.82
N GLY A 16 -18.57 25.17 30.10
CA GLY A 16 -17.89 24.06 30.74
C GLY A 16 -18.58 22.73 30.45
N ASP A 17 -19.54 22.76 29.54
CA ASP A 17 -20.30 21.56 29.18
C ASP A 17 -19.80 20.89 27.91
N ARG A 18 -19.94 19.56 27.85
CA ARG A 18 -19.56 18.85 26.65
C ARG A 18 -20.75 19.20 25.75
N VAL A 19 -20.51 19.71 24.55
CA VAL A 19 -21.61 20.06 23.66
C VAL A 19 -21.49 19.27 22.37
N THR A 20 -22.64 18.86 21.83
CA THR A 20 -22.64 18.10 20.59
C THR A 20 -23.69 18.60 19.61
N ILE A 21 -23.25 18.90 18.40
CA ILE A 21 -24.11 19.40 17.34
C ILE A 21 -24.14 18.31 16.28
N SER A 22 -25.33 17.87 15.89
CA SER A 22 -25.43 16.82 14.88
C SER A 22 -25.67 17.35 13.47
N CYS A 23 -25.45 16.45 12.51
CA CYS A 23 -25.58 16.77 11.10
C CYS A 23 -25.74 15.46 10.37
N ARG A 24 -26.72 15.39 9.48
CA ARG A 24 -26.97 14.17 8.75
C ARG A 24 -27.24 14.38 7.27
N ALA A 25 -26.39 13.75 6.44
CA ALA A 25 -26.50 13.84 5.00
C ALA A 25 -27.70 13.02 4.50
N SER A 26 -28.16 13.36 3.29
CA SER A 26 -29.29 12.67 2.69
C SER A 26 -28.80 11.40 1.99
N GLN A 27 -27.49 11.15 2.06
CA GLN A 27 -26.88 9.97 1.45
C GLN A 27 -25.51 9.72 2.05
N ASP A 28 -24.77 8.78 1.46
CA ASP A 28 -23.43 8.46 1.93
C ASP A 28 -22.44 9.47 1.37
N ILE A 29 -21.85 10.24 2.29
CA ILE A 29 -20.89 11.28 1.95
C ILE A 29 -19.47 10.72 1.89
N SER A 30 -19.35 9.42 2.16
CA SER A 30 -18.06 8.74 2.13
C SER A 30 -17.05 9.50 2.96
N ASN A 31 -17.54 10.02 4.08
CA ASN A 31 -16.69 10.74 4.97
C ASN A 31 -16.07 12.06 4.46
N TYR A 32 -16.83 12.84 3.69
CA TYR A 32 -16.34 14.11 3.19
C TYR A 32 -17.21 15.20 3.79
N LEU A 33 -17.07 15.40 5.11
CA LEU A 33 -17.86 16.39 5.82
C LEU A 33 -17.01 17.40 6.58
N ASN A 34 -17.31 18.67 6.39
CA ASN A 34 -16.57 19.73 7.07
C ASN A 34 -17.42 20.47 8.09
N TRP A 35 -16.79 21.33 8.88
CA TRP A 35 -17.48 22.12 9.89
C TRP A 35 -16.94 23.55 9.97
N TYR A 36 -17.84 24.51 9.84
CA TYR A 36 -17.43 25.90 9.92
C TYR A 36 -18.11 26.51 11.13
N GLN A 37 -17.44 27.50 11.73
CA GLN A 37 -17.97 28.22 12.87
C GLN A 37 -18.15 29.62 12.33
N GLN A 38 -19.16 30.32 12.83
CA GLN A 38 -19.43 31.70 12.41
C GLN A 38 -19.83 32.50 13.63
N LYS A 39 -19.03 33.51 13.95
CA LYS A 39 -19.30 34.36 15.09
C LYS A 39 -20.44 35.32 14.77
N PRO A 40 -21.10 35.84 15.81
CA PRO A 40 -22.21 36.79 15.65
C PRO A 40 -21.80 37.92 14.73
N ASP A 41 -20.59 38.43 14.93
CA ASP A 41 -20.13 39.54 14.10
C ASP A 41 -20.14 39.19 12.61
N GLY A 42 -20.46 37.92 12.30
CA GLY A 42 -20.55 37.47 10.91
C GLY A 42 -19.45 36.63 10.28
N THR A 43 -18.20 36.82 10.72
CA THR A 43 -17.06 36.09 10.16
C THR A 43 -17.22 34.58 10.23
N VAL A 44 -16.53 33.89 9.33
CA VAL A 44 -16.58 32.44 9.24
C VAL A 44 -15.17 31.84 9.33
N LYS A 45 -15.05 30.75 10.08
CA LYS A 45 -13.77 30.10 10.28
C LYS A 45 -13.93 28.60 10.11
N LEU A 46 -12.87 27.95 9.62
CA LEU A 46 -12.88 26.50 9.43
C LEU A 46 -12.49 25.90 10.77
N LEU A 47 -13.11 24.78 11.13
CA LEU A 47 -12.79 24.13 12.40
C LEU A 47 -12.28 22.73 12.17
N ILE A 48 -13.09 21.96 11.47
CA ILE A 48 -12.75 20.59 11.19
C ILE A 48 -13.04 20.29 9.74
N TYR A 49 -12.38 19.27 9.19
CA TYR A 49 -12.62 18.87 7.82
C TYR A 49 -12.45 17.36 7.63
N TYR A 50 -12.91 16.87 6.49
CA TYR A 50 -12.87 15.46 6.17
C TYR A 50 -13.49 14.65 7.30
N THR A 51 -14.81 14.44 7.19
CA THR A 51 -15.62 13.72 8.17
C THR A 51 -15.22 14.09 9.55
N SER A 52 -15.01 15.36 9.75
CA SER A 52 -14.63 15.76 11.07
C SER A 52 -13.33 15.03 11.34
N ARG A 53 -12.80 15.19 12.54
CA ARG A 53 -11.55 14.57 12.94
C ARG A 53 -10.38 15.51 12.65
N LEU A 54 -10.20 15.85 11.38
CA LEU A 54 -9.09 16.73 10.99
C LEU A 54 -9.24 18.22 11.29
N HIS A 55 -8.41 18.69 12.22
CA HIS A 55 -8.34 20.07 12.69
C HIS A 55 -7.64 21.06 11.75
N SER A 56 -7.42 22.29 12.20
CA SER A 56 -6.79 23.30 11.37
C SER A 56 -5.69 24.13 12.12
N GLY A 57 -6.00 24.56 13.34
CA GLY A 57 -5.11 25.34 14.19
C GLY A 57 -5.96 25.63 15.42
N VAL A 58 -7.15 25.05 15.36
CA VAL A 58 -8.17 25.18 16.39
C VAL A 58 -7.86 24.42 17.67
N PRO A 59 -8.39 24.91 18.82
CA PRO A 59 -8.21 24.32 20.15
C PRO A 59 -8.54 22.82 20.25
N SER A 60 -7.92 22.16 21.23
CA SER A 60 -8.13 20.74 21.42
C SER A 60 -9.54 20.30 21.79
N ARG A 61 -10.30 21.14 22.48
CA ARG A 61 -11.68 20.81 22.88
C ARG A 61 -12.59 20.48 21.71
N PHE A 62 -12.20 20.91 20.51
CA PHE A 62 -13.00 20.63 19.33
C PHE A 62 -12.67 19.24 18.83
N SER A 63 -13.69 18.44 18.63
CA SER A 63 -13.51 17.08 18.15
C SER A 63 -14.61 16.77 17.14
N GLY A 64 -14.37 15.77 16.30
CA GLY A 64 -15.36 15.40 15.31
C GLY A 64 -15.35 13.96 14.84
N SER A 65 -16.52 13.47 14.43
CA SER A 65 -16.67 12.11 13.95
C SER A 65 -17.86 12.01 13.02
N GLY A 66 -18.06 10.80 12.51
CA GLY A 66 -19.17 10.54 11.61
C GLY A 66 -18.78 9.58 10.51
N SER A 67 -19.76 9.17 9.71
CA SER A 67 -19.50 8.27 8.60
C SER A 67 -20.80 7.98 7.85
N GLY A 68 -20.67 7.72 6.56
CA GLY A 68 -21.84 7.42 5.74
C GLY A 68 -22.79 8.59 5.66
N THR A 69 -23.77 8.64 6.57
CA THR A 69 -24.74 9.74 6.60
C THR A 69 -24.73 10.53 7.92
N ASP A 70 -24.48 9.86 9.03
CA ASP A 70 -24.49 10.52 10.34
C ASP A 70 -23.12 11.01 10.85
N TYR A 71 -23.05 12.32 11.11
CA TYR A 71 -21.84 12.95 11.58
C TYR A 71 -22.13 13.93 12.72
N SER A 72 -21.08 14.43 13.38
CA SER A 72 -21.25 15.36 14.48
C SER A 72 -19.96 16.02 14.97
N LEU A 73 -20.13 17.17 15.60
CA LEU A 73 -19.05 17.96 16.18
C LEU A 73 -19.23 17.97 17.70
N THR A 74 -18.13 17.97 18.44
CA THR A 74 -18.23 17.98 19.89
C THR A 74 -17.17 18.89 20.52
N ILE A 75 -17.63 19.74 21.43
CA ILE A 75 -16.74 20.67 22.10
C ILE A 75 -16.56 20.29 23.57
N SER A 76 -15.74 19.28 23.81
CA SER A 76 -15.47 18.76 25.15
C SER A 76 -15.64 19.76 26.32
N ASN A 77 -15.23 21.01 26.14
CA ASN A 77 -15.38 21.96 27.24
C ASN A 77 -15.78 23.30 26.63
N LEU A 78 -17.07 23.64 26.71
CA LEU A 78 -17.60 24.87 26.13
C LEU A 78 -16.99 26.09 26.76
N GLU A 79 -16.54 27.01 25.91
CA GLU A 79 -15.90 28.24 26.34
C GLU A 79 -16.72 29.41 25.81
N GLN A 80 -16.76 30.52 26.54
CA GLN A 80 -17.53 31.66 26.08
C GLN A 80 -17.27 31.95 24.61
N GLU A 81 -16.01 31.98 24.22
CA GLU A 81 -15.71 32.28 22.82
C GLU A 81 -16.40 31.30 21.89
N ASP A 82 -16.65 30.08 22.35
CA ASP A 82 -17.31 29.09 21.52
C ASP A 82 -18.75 29.38 21.12
N ILE A 83 -19.42 30.28 21.83
CA ILE A 83 -20.81 30.61 21.52
C ILE A 83 -21.02 31.18 20.15
N ALA A 84 -21.51 30.35 19.23
CA ALA A 84 -21.77 30.81 17.87
C ALA A 84 -22.67 29.85 17.10
N THR A 85 -22.65 30.00 15.77
CA THR A 85 -23.46 29.20 14.86
C THR A 85 -22.55 28.26 14.09
N TYR A 86 -22.82 26.95 14.18
CA TYR A 86 -22.03 25.94 13.48
C TYR A 86 -22.74 25.24 12.30
N PHE A 87 -22.11 25.29 11.13
CA PHE A 87 -22.63 24.68 9.90
C PHE A 87 -21.75 23.50 9.51
N CYS A 88 -22.36 22.42 9.04
CA CYS A 88 -21.57 21.28 8.56
C CYS A 88 -21.64 21.35 7.03
N GLN A 89 -20.71 20.70 6.35
CA GLN A 89 -20.70 20.78 4.90
C GLN A 89 -20.12 19.55 4.20
N GLN A 90 -20.93 18.95 3.32
CA GLN A 90 -20.52 17.78 2.58
C GLN A 90 -19.78 18.20 1.32
N GLY A 91 -18.60 17.61 1.14
CA GLY A 91 -17.80 17.91 -0.02
C GLY A 91 -17.63 16.66 -0.86
N ASN A 92 -18.69 15.87 -0.91
CA ASN A 92 -18.65 14.62 -1.68
C ASN A 92 -19.24 14.81 -3.08
N THR A 93 -20.38 15.49 -3.15
CA THR A 93 -21.03 15.70 -4.44
C THR A 93 -21.39 17.16 -4.73
N LEU A 94 -21.31 17.52 -6.01
CA LEU A 94 -21.67 18.87 -6.43
C LEU A 94 -23.18 18.92 -6.65
N PRO A 95 -23.81 20.06 -6.29
CA PRO A 95 -23.14 21.23 -5.72
C PRO A 95 -22.81 21.00 -4.25
N ARG A 96 -21.81 21.73 -3.74
CA ARG A 96 -21.44 21.60 -2.33
C ARG A 96 -22.62 22.14 -1.52
N THR A 97 -23.00 21.41 -0.48
CA THR A 97 -24.13 21.80 0.34
C THR A 97 -23.81 22.08 1.80
N PHE A 98 -24.70 22.80 2.47
CA PHE A 98 -24.52 23.17 3.87
C PHE A 98 -25.70 22.79 4.73
N GLY A 99 -25.46 22.54 6.01
CA GLY A 99 -26.54 22.20 6.92
C GLY A 99 -27.23 23.50 7.33
N GLY A 100 -28.33 23.37 8.08
CA GLY A 100 -29.07 24.55 8.52
C GLY A 100 -28.36 25.38 9.57
N GLY A 101 -27.38 24.76 10.22
CA GLY A 101 -26.66 25.46 11.24
C GLY A 101 -27.35 25.21 12.57
N THR A 102 -26.60 25.40 13.64
CA THR A 102 -27.08 25.22 15.00
C THR A 102 -26.45 26.39 15.73
N LYS A 103 -27.22 27.10 16.54
CA LYS A 103 -26.66 28.22 17.25
C LYS A 103 -26.76 27.98 18.74
N LEU A 104 -25.60 27.89 19.38
CA LEU A 104 -25.54 27.69 20.81
C LEU A 104 -26.09 28.93 21.49
N GLU A 105 -26.38 28.80 22.78
CA GLU A 105 -26.87 29.89 23.60
C GLU A 105 -26.65 29.37 25.00
N ILE A 106 -26.67 30.27 25.96
CA ILE A 106 -26.42 29.89 27.34
C ILE A 106 -27.68 29.50 28.11
N LYS A 107 -27.50 28.70 29.16
CA LYS A 107 -28.58 28.19 29.99
C LYS A 107 -28.97 29.13 31.15
N ARG A 108 -30.09 29.83 31.00
CA ARG A 108 -30.52 30.73 32.06
C ARG A 108 -31.71 30.09 32.75
N ALA A 109 -32.04 30.56 33.95
CA ALA A 109 -33.21 30.04 34.64
C ALA A 109 -34.42 30.74 33.98
N ASP A 110 -35.43 29.96 33.58
CA ASP A 110 -36.62 30.51 32.93
C ASP A 110 -36.99 31.86 33.57
N ALA A 111 -37.47 32.80 32.77
CA ALA A 111 -37.74 34.14 33.29
C ALA A 111 -39.12 34.79 33.32
N ALA A 112 -39.88 34.68 32.24
CA ALA A 112 -41.20 35.33 32.16
C ALA A 112 -40.94 36.76 31.74
N PRO A 113 -41.53 37.16 30.61
CA PRO A 113 -41.38 38.48 30.02
C PRO A 113 -42.04 39.63 30.73
N THR A 114 -41.40 40.78 30.63
CA THR A 114 -41.91 42.03 31.19
C THR A 114 -42.61 42.69 30.00
N VAL A 115 -43.93 42.79 30.10
CA VAL A 115 -44.71 43.34 29.01
C VAL A 115 -45.20 44.75 29.21
N SER A 116 -45.01 45.58 28.19
CA SER A 116 -45.42 46.98 28.23
C SER A 116 -46.09 47.30 26.92
N ILE A 117 -47.18 48.06 26.95
CA ILE A 117 -47.84 48.44 25.72
C ILE A 117 -47.82 49.96 25.69
N PHE A 118 -47.85 50.53 24.48
CA PHE A 118 -47.79 51.98 24.34
C PHE A 118 -48.68 52.48 23.25
N PRO A 119 -49.64 53.32 23.60
CA PRO A 119 -50.55 53.87 22.61
C PRO A 119 -49.74 54.66 21.61
N PRO A 120 -50.39 55.21 20.58
CA PRO A 120 -49.68 56.00 19.57
C PRO A 120 -49.37 57.37 20.16
N SER A 121 -48.35 58.02 19.62
CA SER A 121 -47.98 59.34 20.10
C SER A 121 -48.77 60.40 19.32
N SER A 122 -49.05 61.51 19.99
CA SER A 122 -49.77 62.60 19.35
C SER A 122 -49.04 62.90 18.06
N GLU A 123 -47.73 63.05 18.18
CA GLU A 123 -46.87 63.33 17.05
C GLU A 123 -47.22 62.46 15.85
N GLN A 124 -47.31 61.15 16.05
CA GLN A 124 -47.63 60.27 14.92
C GLN A 124 -49.11 60.38 14.55
N LEU A 125 -49.99 60.54 15.52
CA LEU A 125 -51.40 60.66 15.17
C LEU A 125 -51.59 61.82 14.20
N THR A 126 -50.92 62.93 14.49
CA THR A 126 -51.01 64.10 13.64
C THR A 126 -50.59 63.73 12.23
N SER A 127 -49.72 62.74 12.11
CA SER A 127 -49.29 62.33 10.78
C SER A 127 -50.39 61.52 10.12
N GLY A 128 -51.44 61.23 10.90
CA GLY A 128 -52.56 60.45 10.37
C GLY A 128 -52.39 58.97 10.60
N GLY A 129 -51.19 58.56 10.99
CA GLY A 129 -50.95 57.16 11.26
C GLY A 129 -51.12 56.94 12.75
N ALA A 130 -51.04 55.68 13.16
CA ALA A 130 -51.17 55.33 14.57
C ALA A 130 -50.52 53.97 14.74
N SER A 131 -49.61 53.86 15.69
CA SER A 131 -48.96 52.59 15.88
C SER A 131 -48.93 52.23 17.36
N VAL A 132 -49.37 51.02 17.68
CA VAL A 132 -49.36 50.59 19.07
C VAL A 132 -48.23 49.63 19.21
N VAL A 133 -47.26 49.96 20.06
CA VAL A 133 -46.12 49.10 20.28
C VAL A 133 -46.23 48.35 21.60
N CYS A 134 -45.54 47.22 21.68
CA CYS A 134 -45.56 46.39 22.87
C CYS A 134 -44.22 45.66 23.04
N PHE A 135 -43.59 45.80 24.22
CA PHE A 135 -42.30 45.15 24.48
C PHE A 135 -42.45 43.96 25.43
N LEU A 136 -41.78 42.88 25.09
CA LEU A 136 -41.80 41.69 25.93
C LEU A 136 -40.31 41.50 26.15
N ASN A 137 -39.81 42.12 27.20
CA ASN A 137 -38.37 42.10 27.48
C ASN A 137 -37.86 41.22 28.63
N ASN A 138 -36.64 40.72 28.43
CA ASN A 138 -35.93 39.87 29.39
C ASN A 138 -36.69 38.61 29.78
N PHE A 139 -36.72 37.66 28.86
CA PHE A 139 -37.41 36.40 29.10
C PHE A 139 -36.57 35.24 28.56
N TYR A 140 -36.80 34.06 29.13
CA TYR A 140 -36.07 32.87 28.69
C TYR A 140 -36.82 31.60 29.10
N PRO A 141 -36.83 30.58 28.22
CA PRO A 141 -36.23 30.50 26.89
C PRO A 141 -36.73 31.50 25.86
N LYS A 142 -36.12 31.44 24.68
CA LYS A 142 -36.42 32.37 23.60
C LYS A 142 -37.75 32.24 22.89
N ASP A 143 -38.39 31.08 23.03
CA ASP A 143 -39.67 30.87 22.36
C ASP A 143 -40.76 31.71 23.00
N ILE A 144 -41.52 32.40 22.16
CA ILE A 144 -42.61 33.21 22.66
C ILE A 144 -43.60 33.48 21.54
N ASN A 145 -44.78 33.94 21.94
CA ASN A 145 -45.86 34.26 21.02
C ASN A 145 -46.57 35.53 21.49
N VAL A 146 -46.79 36.46 20.57
CA VAL A 146 -47.46 37.69 20.96
C VAL A 146 -48.77 37.81 20.16
N LYS A 147 -49.88 38.00 20.88
CA LYS A 147 -51.20 38.11 20.25
C LYS A 147 -51.81 39.50 20.47
N TRP A 148 -52.26 40.14 19.37
CA TRP A 148 -52.87 41.47 19.41
C TRP A 148 -54.39 41.41 19.28
N LYS A 149 -55.11 42.07 20.18
CA LYS A 149 -56.57 42.09 20.14
C LYS A 149 -57.14 43.51 20.10
N ILE A 150 -57.90 43.82 19.07
CA ILE A 150 -58.50 45.13 19.03
C ILE A 150 -59.97 44.94 19.41
N ASP A 151 -60.46 45.75 20.34
CA ASP A 151 -61.82 45.62 20.81
C ASP A 151 -62.14 44.18 21.16
N GLY A 152 -61.17 43.52 21.77
CA GLY A 152 -61.33 42.14 22.19
C GLY A 152 -61.33 41.04 21.12
N SER A 153 -60.67 41.25 19.99
CA SER A 153 -60.69 40.23 18.97
C SER A 153 -59.58 40.27 17.90
N GLU A 154 -59.30 39.08 17.36
CA GLU A 154 -58.33 38.87 16.28
C GLU A 154 -57.22 39.91 16.12
N ARG A 155 -56.95 40.27 14.86
CA ARG A 155 -55.94 41.25 14.44
C ARG A 155 -54.57 40.63 14.18
N GLN A 156 -54.25 40.53 12.90
CA GLN A 156 -53.01 39.97 12.43
C GLN A 156 -52.32 40.99 11.55
N ASN A 157 -53.14 41.63 10.74
CA ASN A 157 -52.67 42.65 9.83
C ASN A 157 -52.18 43.86 10.61
N GLY A 158 -51.09 44.44 10.15
CA GLY A 158 -50.52 45.59 10.82
C GLY A 158 -49.56 45.20 11.93
N VAL A 159 -49.42 43.90 12.19
CA VAL A 159 -48.51 43.45 13.24
C VAL A 159 -47.13 43.13 12.70
N LEU A 160 -46.12 43.74 13.29
CA LEU A 160 -44.74 43.53 12.89
C LEU A 160 -43.93 43.22 14.14
N ASN A 161 -43.16 42.14 14.08
CA ASN A 161 -42.37 41.74 15.24
C ASN A 161 -40.87 41.74 15.03
N SER A 162 -40.13 42.02 16.10
CA SER A 162 -38.66 42.02 16.06
C SER A 162 -38.11 41.31 17.31
N TRP A 163 -37.02 40.56 17.13
CA TRP A 163 -36.41 39.82 18.23
C TRP A 163 -34.95 40.18 18.36
N THR A 164 -34.40 39.96 19.54
CA THR A 164 -33.00 40.28 19.79
C THR A 164 -32.24 38.99 20.08
N ASP A 165 -30.93 38.97 19.80
CA ASP A 165 -30.13 37.79 20.09
C ASP A 165 -30.12 37.72 21.61
N GLN A 166 -29.58 36.65 22.17
CA GLN A 166 -29.51 36.50 23.63
C GLN A 166 -28.66 37.64 24.19
N ASP A 167 -29.01 38.16 25.36
CA ASP A 167 -28.26 39.25 25.99
C ASP A 167 -26.94 38.66 26.43
N SER A 168 -25.91 39.50 26.53
CA SER A 168 -24.57 39.07 26.94
C SER A 168 -24.27 39.18 28.44
N LYS A 169 -25.07 39.96 29.18
CA LYS A 169 -24.92 40.13 30.64
C LYS A 169 -25.82 39.10 31.36
N ASP A 170 -27.09 39.08 31.03
CA ASP A 170 -27.99 38.07 31.57
C ASP A 170 -28.26 37.33 30.28
N SER A 171 -28.78 36.12 30.35
CA SER A 171 -28.98 35.41 29.10
C SER A 171 -30.41 35.43 28.59
N THR A 172 -31.08 36.55 28.78
CA THR A 172 -32.47 36.67 28.34
C THR A 172 -32.62 37.13 26.88
N TYR A 173 -33.87 37.10 26.42
CA TYR A 173 -34.23 37.51 25.09
C TYR A 173 -35.28 38.57 25.25
N SER A 174 -35.60 39.27 24.18
CA SER A 174 -36.61 40.30 24.26
C SER A 174 -37.32 40.39 22.92
N MET A 175 -38.52 40.97 22.93
CA MET A 175 -39.27 41.08 21.71
C MET A 175 -40.12 42.34 21.63
N SER A 176 -40.14 42.92 20.43
CA SER A 176 -40.91 44.13 20.13
C SER A 176 -41.98 43.91 19.04
N SER A 177 -43.25 43.98 19.45
CA SER A 177 -44.37 43.81 18.53
C SER A 177 -44.99 45.19 18.20
N THR A 178 -45.28 45.43 16.93
CA THR A 178 -45.82 46.73 16.52
C THR A 178 -47.02 46.66 15.56
N LEU A 179 -48.19 47.06 16.06
CA LEU A 179 -49.43 47.07 15.26
C LEU A 179 -49.70 48.48 14.73
N THR A 180 -49.68 48.66 13.41
CA THR A 180 -49.89 49.98 12.83
C THR A 180 -51.19 50.07 12.05
N LEU A 181 -52.00 51.06 12.41
CA LEU A 181 -53.29 51.32 11.78
C LEU A 181 -53.29 52.73 11.23
N THR A 182 -54.45 53.16 10.74
CA THR A 182 -54.61 54.52 10.26
C THR A 182 -55.26 55.29 11.41
N LYS A 183 -54.98 56.58 11.52
CA LYS A 183 -55.54 57.35 12.60
C LYS A 183 -57.02 57.08 12.75
N ASP A 184 -57.75 57.07 11.63
CA ASP A 184 -59.20 56.84 11.66
C ASP A 184 -59.63 55.48 12.22
N GLU A 185 -58.97 54.41 11.75
CA GLU A 185 -59.30 53.07 12.23
C GLU A 185 -58.97 53.00 13.71
N TYR A 186 -57.90 53.67 14.11
CA TYR A 186 -57.50 53.67 15.49
C TYR A 186 -58.55 54.37 16.37
N GLU A 187 -59.29 55.31 15.79
CA GLU A 187 -60.29 56.00 16.58
C GLU A 187 -61.67 55.31 16.49
N ARG A 188 -61.80 54.26 15.67
CA ARG A 188 -63.09 53.57 15.58
C ARG A 188 -63.22 52.45 16.61
N HIS A 189 -62.21 52.27 17.46
CA HIS A 189 -62.19 51.19 18.45
C HIS A 189 -61.64 51.64 19.81
N ASN A 190 -61.85 50.84 20.85
CA ASN A 190 -61.39 51.30 22.15
C ASN A 190 -60.26 50.60 22.92
N SER A 191 -60.41 49.31 23.19
CA SER A 191 -59.38 48.59 23.93
C SER A 191 -58.40 47.84 23.03
N TYR A 192 -57.11 48.12 23.21
CA TYR A 192 -56.06 47.46 22.44
C TYR A 192 -55.30 46.56 23.39
N THR A 193 -55.21 45.28 23.03
CA THR A 193 -54.54 44.33 23.89
C THR A 193 -53.35 43.62 23.26
N CYS A 194 -52.36 43.43 24.10
CA CYS A 194 -51.15 42.76 23.72
C CYS A 194 -51.06 41.59 24.72
N GLU A 195 -51.26 40.37 24.23
CA GLU A 195 -51.20 39.19 25.08
C GLU A 195 -49.92 38.46 24.78
N ALA A 196 -49.26 37.95 25.83
CA ALA A 196 -48.03 37.22 25.66
C ALA A 196 -48.19 35.82 26.21
N THR A 197 -47.86 34.83 25.39
CA THR A 197 -47.95 33.44 25.81
C THR A 197 -46.52 32.90 25.87
N HIS A 198 -46.11 32.47 27.05
CA HIS A 198 -44.75 31.96 27.27
C HIS A 198 -44.80 30.79 28.24
N LYS A 199 -44.08 29.72 27.92
CA LYS A 199 -44.06 28.53 28.77
C LYS A 199 -43.93 28.90 30.23
N THR A 200 -43.33 30.04 30.48
CA THR A 200 -43.13 30.52 31.81
C THR A 200 -44.43 30.44 32.65
N SER A 201 -45.57 30.32 31.97
CA SER A 201 -46.90 30.20 32.61
C SER A 201 -47.99 29.94 31.57
N THR A 202 -48.99 29.15 31.95
CA THR A 202 -50.08 28.79 31.05
C THR A 202 -51.05 29.96 30.76
N SER A 203 -51.19 30.86 31.73
CA SER A 203 -52.08 32.01 31.55
C SER A 203 -51.27 33.13 30.91
N PRO A 204 -51.69 33.57 29.71
CA PRO A 204 -51.00 34.65 29.01
C PRO A 204 -50.92 35.90 29.85
N ILE A 205 -49.83 36.64 29.70
CA ILE A 205 -49.68 37.88 30.44
C ILE A 205 -50.30 38.91 29.52
N VAL A 206 -51.33 39.57 30.04
CA VAL A 206 -52.06 40.55 29.25
C VAL A 206 -51.89 41.98 29.71
N LYS A 207 -51.69 42.84 28.72
CA LYS A 207 -51.52 44.26 28.94
C LYS A 207 -52.33 44.94 27.85
N SER A 208 -53.03 46.00 28.22
CA SER A 208 -53.82 46.71 27.25
C SER A 208 -54.24 48.07 27.79
N PHE A 209 -54.94 48.83 26.97
CA PHE A 209 -55.41 50.13 27.37
C PHE A 209 -56.66 50.50 26.60
N ASN A 210 -57.44 51.41 27.18
CA ASN A 210 -58.67 51.88 26.57
C ASN A 210 -58.42 53.30 26.14
N ARG A 211 -58.83 53.68 24.94
CA ARG A 211 -58.65 55.05 24.52
C ARG A 211 -59.56 55.98 25.36
N ASN A 212 -60.83 55.62 25.44
CA ASN A 212 -61.78 56.43 26.21
C ASN A 212 -61.25 56.69 27.63
N GLU A 213 -60.33 55.85 28.08
CA GLU A 213 -59.77 55.98 29.42
C GLU A 213 -58.51 56.82 29.47
N CYS A 214 -57.92 57.12 28.31
CA CYS A 214 -56.70 57.94 28.25
C CYS A 214 -57.03 59.43 28.44
N GLU B 1 0.41 35.87 6.48
CA GLU B 1 -0.93 35.31 6.84
C GLU B 1 -1.90 35.39 5.66
N VAL B 2 -2.68 34.32 5.49
CA VAL B 2 -3.67 34.22 4.43
C VAL B 2 -4.78 35.26 4.66
N GLN B 3 -4.90 36.28 3.80
CA GLN B 3 -5.92 37.31 3.99
C GLN B 3 -6.83 37.56 2.80
N LEU B 4 -8.13 37.64 3.05
CA LEU B 4 -9.14 37.88 2.02
C LEU B 4 -10.04 39.09 2.33
N GLN B 5 -9.70 40.23 1.75
CA GLN B 5 -10.48 41.44 1.94
C GLN B 5 -11.49 41.63 0.82
N GLN B 6 -12.78 41.51 1.17
CA GLN B 6 -13.87 41.67 0.21
C GLN B 6 -14.32 43.13 0.13
N SER B 7 -14.95 43.49 -0.99
CA SER B 7 -15.43 44.84 -1.22
C SER B 7 -16.44 45.28 -0.17
N GLY B 8 -16.74 46.56 -0.16
CA GLY B 8 -17.71 47.09 0.78
C GLY B 8 -19.10 46.67 0.36
N ALA B 9 -20.08 46.98 1.22
CA ALA B 9 -21.47 46.63 0.95
C ALA B 9 -21.99 47.44 -0.22
N GLU B 10 -22.95 46.90 -0.96
CA GLU B 10 -23.51 47.60 -2.09
C GLU B 10 -25.05 47.69 -2.07
N LEU B 11 -25.53 48.90 -2.39
CA LEU B 11 -26.95 49.22 -2.45
C LEU B 11 -27.28 49.47 -3.91
N VAL B 12 -28.04 48.56 -4.52
CA VAL B 12 -28.37 48.72 -5.92
C VAL B 12 -29.78 48.30 -6.29
N ARG B 13 -30.37 49.07 -7.20
CA ARG B 13 -31.72 48.86 -7.69
C ARG B 13 -31.92 47.48 -8.31
N ALA B 14 -33.13 46.97 -8.18
CA ALA B 14 -33.45 45.68 -8.76
C ALA B 14 -33.36 45.85 -10.28
N GLY B 15 -33.11 44.74 -10.98
CA GLY B 15 -33.00 44.78 -12.42
C GLY B 15 -31.58 45.04 -12.89
N SER B 16 -30.81 45.75 -12.08
CA SER B 16 -29.43 46.09 -12.41
C SER B 16 -28.42 44.95 -12.32
N SER B 17 -27.31 45.23 -11.65
CA SER B 17 -26.26 44.24 -11.45
C SER B 17 -25.21 44.78 -10.47
N VAL B 18 -24.11 44.05 -10.34
CA VAL B 18 -23.02 44.45 -9.44
C VAL B 18 -21.88 43.42 -9.43
N LYS B 19 -20.66 43.94 -9.36
CA LYS B 19 -19.45 43.12 -9.32
C LYS B 19 -18.74 43.41 -7.99
N MET B 20 -18.56 42.39 -7.17
CA MET B 20 -17.89 42.57 -5.89
C MET B 20 -16.49 41.96 -5.90
N SER B 21 -15.59 42.54 -5.10
CA SER B 21 -14.20 42.13 -4.99
C SER B 21 -13.85 41.26 -3.77
N CYS B 22 -12.71 40.57 -3.91
CA CYS B 22 -12.16 39.67 -2.90
C CYS B 22 -10.66 39.70 -3.26
N LYS B 23 -9.83 40.25 -2.40
CA LYS B 23 -8.38 40.35 -2.67
C LYS B 23 -7.52 39.49 -1.74
N ALA B 24 -6.91 38.44 -2.30
CA ALA B 24 -6.07 37.50 -1.56
C ALA B 24 -4.68 38.01 -1.23
N SER B 25 -4.07 37.43 -0.19
CA SER B 25 -2.73 37.82 0.24
C SER B 25 -2.11 36.84 1.24
N GLY B 26 -0.79 36.81 1.29
CA GLY B 26 -0.09 35.92 2.20
C GLY B 26 0.09 34.53 1.62
N TYR B 27 -0.28 34.36 0.35
CA TYR B 27 -0.15 33.05 -0.29
C TYR B 27 -0.25 33.18 -1.81
N THR B 28 0.20 32.15 -2.53
CA THR B 28 0.16 32.15 -4.00
C THR B 28 -1.27 32.10 -4.56
N PHE B 29 -1.74 33.25 -5.05
CA PHE B 29 -3.09 33.40 -5.60
C PHE B 29 -3.60 32.31 -6.56
N THR B 30 -2.82 31.97 -7.57
CA THR B 30 -3.23 30.96 -8.57
C THR B 30 -3.19 29.49 -8.15
N SER B 31 -2.62 29.19 -7.00
CA SER B 31 -2.52 27.81 -6.54
C SER B 31 -3.74 27.32 -5.77
N TYR B 32 -4.68 28.23 -5.50
CA TYR B 32 -5.88 27.86 -4.76
C TYR B 32 -7.17 28.47 -5.28
N GLY B 33 -8.16 27.60 -5.49
CA GLY B 33 -9.44 28.08 -5.98
C GLY B 33 -10.14 29.04 -5.03
N ILE B 34 -11.16 29.69 -5.54
CA ILE B 34 -11.95 30.64 -4.79
C ILE B 34 -13.40 30.24 -4.96
N ASN B 35 -14.13 30.19 -3.85
CA ASN B 35 -15.54 29.83 -3.92
C ASN B 35 -16.35 30.97 -3.32
N TRP B 36 -17.64 31.01 -3.65
CA TRP B 36 -18.51 32.06 -3.14
C TRP B 36 -19.76 31.49 -2.54
N VAL B 37 -20.02 31.90 -1.31
CA VAL B 37 -21.19 31.45 -0.58
C VAL B 37 -22.17 32.59 -0.39
N LYS B 38 -23.45 32.25 -0.34
CA LYS B 38 -24.49 33.24 -0.16
C LYS B 38 -25.27 32.96 1.11
N GLN B 39 -25.43 34.00 1.91
CA GLN B 39 -26.15 33.89 3.16
C GLN B 39 -27.23 34.95 3.31
N ARG B 40 -28.45 34.46 3.54
CA ARG B 40 -29.58 35.33 3.75
C ARG B 40 -30.01 35.11 5.20
N PRO B 41 -30.59 36.14 5.83
CA PRO B 41 -31.05 36.03 7.24
C PRO B 41 -31.66 34.66 7.48
N GLY B 42 -32.39 34.19 6.48
CA GLY B 42 -33.04 32.90 6.53
C GLY B 42 -32.05 31.76 6.47
N GLN B 43 -31.20 31.72 7.50
CA GLN B 43 -30.14 30.73 7.70
C GLN B 43 -29.62 29.93 6.50
N GLY B 44 -28.43 29.41 6.71
CA GLY B 44 -27.83 28.62 5.67
C GLY B 44 -27.00 29.42 4.74
N LEU B 45 -26.04 28.71 4.17
CA LEU B 45 -25.12 29.27 3.22
C LEU B 45 -25.44 28.54 1.93
N GLU B 46 -25.35 29.25 0.82
CA GLU B 46 -25.60 28.65 -0.47
C GLU B 46 -24.28 28.63 -1.23
N TRP B 47 -23.94 27.49 -1.84
CA TRP B 47 -22.70 27.45 -2.59
C TRP B 47 -22.90 28.01 -3.98
N ILE B 48 -22.44 29.24 -4.20
CA ILE B 48 -22.58 29.90 -5.49
C ILE B 48 -21.80 29.16 -6.57
N GLY B 49 -20.48 29.29 -6.53
CA GLY B 49 -19.64 28.64 -7.52
C GLY B 49 -18.18 28.71 -7.18
N TYR B 50 -17.33 28.08 -8.00
CA TYR B 50 -15.88 28.05 -7.79
C TYR B 50 -15.05 28.32 -9.06
N ILE B 51 -14.05 29.19 -8.94
CA ILE B 51 -13.17 29.62 -10.04
C ILE B 51 -11.66 29.41 -9.76
N ASN B 52 -10.92 28.82 -10.69
CA ASN B 52 -9.50 28.60 -10.49
C ASN B 52 -8.67 29.73 -11.13
N PRO B 53 -8.16 30.66 -10.31
CA PRO B 53 -7.37 31.80 -10.78
C PRO B 53 -6.28 31.52 -11.81
N GLY B 54 -5.65 30.35 -11.73
CA GLY B 54 -4.59 30.04 -12.67
C GLY B 54 -5.02 29.81 -14.11
N ASN B 55 -6.16 29.16 -14.27
CA ASN B 55 -6.67 28.86 -15.60
C ASN B 55 -7.95 29.62 -15.89
N GLY B 56 -8.62 30.08 -14.85
CA GLY B 56 -9.86 30.80 -15.05
C GLY B 56 -11.01 29.83 -15.29
N TYR B 57 -10.81 28.59 -14.86
CA TYR B 57 -11.85 27.55 -15.01
C TYR B 57 -12.89 27.73 -13.91
N THR B 58 -14.11 28.09 -14.32
CA THR B 58 -15.17 28.27 -13.34
C THR B 58 -16.03 27.02 -13.37
N LYS B 59 -16.86 26.87 -12.34
CA LYS B 59 -17.76 25.74 -12.26
C LYS B 59 -18.89 26.32 -11.44
N TYR B 60 -20.08 26.38 -12.03
CA TYR B 60 -21.21 26.96 -11.33
C TYR B 60 -22.21 26.00 -10.76
N ASN B 61 -23.00 26.52 -9.82
CA ASN B 61 -24.08 25.76 -9.20
C ASN B 61 -25.28 26.18 -10.01
N GLU B 62 -25.79 25.26 -10.83
CA GLU B 62 -26.94 25.52 -11.70
C GLU B 62 -27.82 26.70 -11.26
N LYS B 63 -28.26 26.66 -10.00
CA LYS B 63 -29.12 27.70 -9.44
C LYS B 63 -28.59 29.11 -9.43
N PHE B 64 -27.36 29.32 -9.84
CA PHE B 64 -26.81 30.66 -9.83
C PHE B 64 -26.29 31.04 -11.20
N LYS B 65 -25.97 30.01 -11.98
CA LYS B 65 -25.46 30.16 -13.32
C LYS B 65 -26.43 31.04 -14.11
N GLY B 66 -25.91 31.69 -15.14
CA GLY B 66 -26.75 32.57 -15.95
C GLY B 66 -26.77 33.98 -15.40
N LYS B 67 -27.18 34.14 -14.13
CA LYS B 67 -27.22 35.47 -13.52
C LYS B 67 -25.89 35.78 -12.88
N THR B 68 -25.10 34.74 -12.63
CA THR B 68 -23.80 34.95 -12.01
C THR B 68 -22.59 34.63 -12.87
N THR B 69 -21.58 35.49 -12.79
CA THR B 69 -20.34 35.31 -13.54
C THR B 69 -19.13 35.56 -12.65
N LEU B 70 -18.29 34.54 -12.51
CA LEU B 70 -17.09 34.61 -11.67
C LEU B 70 -15.85 34.91 -12.51
N THR B 71 -15.19 36.02 -12.20
CA THR B 71 -13.98 36.43 -12.91
C THR B 71 -12.84 36.72 -11.93
N VAL B 72 -11.63 36.93 -12.45
CA VAL B 72 -10.49 37.19 -11.59
C VAL B 72 -9.40 37.98 -12.30
N ASP B 73 -8.53 38.60 -11.50
CA ASP B 73 -7.43 39.39 -12.02
C ASP B 73 -6.11 38.81 -11.48
N LYS B 74 -5.53 37.88 -12.24
CA LYS B 74 -4.28 37.27 -11.82
C LYS B 74 -3.14 38.25 -12.00
N SER B 75 -3.27 39.43 -11.38
CA SER B 75 -2.25 40.48 -11.44
C SER B 75 -2.23 41.20 -10.09
N SER B 76 -3.42 41.60 -9.66
CA SER B 76 -3.61 42.26 -8.37
C SER B 76 -4.19 41.18 -7.48
N SER B 77 -3.98 39.92 -7.86
CA SER B 77 -4.47 38.77 -7.12
C SER B 77 -5.81 39.09 -6.46
N THR B 78 -6.78 39.50 -7.28
CA THR B 78 -8.12 39.85 -6.81
C THR B 78 -9.18 39.01 -7.53
N ALA B 79 -10.13 38.46 -6.78
CA ALA B 79 -11.18 37.63 -7.37
C ALA B 79 -12.52 38.35 -7.39
N TYR B 80 -13.25 38.23 -8.49
CA TYR B 80 -14.52 38.92 -8.59
C TYR B 80 -15.73 38.04 -8.89
N MET B 81 -16.91 38.57 -8.54
CA MET B 81 -18.19 37.92 -8.80
C MET B 81 -19.16 39.00 -9.29
N GLN B 82 -19.95 38.65 -10.31
CA GLN B 82 -20.91 39.58 -10.87
C GLN B 82 -22.32 39.01 -10.84
N LEU B 83 -23.25 39.79 -10.31
CA LEU B 83 -24.64 39.37 -10.23
C LEU B 83 -25.49 40.31 -11.08
N ARG B 84 -26.15 39.74 -12.08
CA ARG B 84 -26.98 40.52 -13.02
C ARG B 84 -28.46 40.54 -12.79
N SER B 85 -29.04 41.64 -13.30
CA SER B 85 -30.46 41.91 -13.26
C SER B 85 -31.06 41.43 -11.95
N LEU B 86 -30.56 42.09 -10.91
CA LEU B 86 -30.92 41.83 -9.53
C LEU B 86 -32.41 41.88 -9.16
N THR B 87 -32.74 40.97 -8.27
CA THR B 87 -34.05 40.77 -7.73
C THR B 87 -33.85 41.02 -6.25
N SER B 88 -34.91 41.00 -5.46
CA SER B 88 -34.72 41.22 -4.04
C SER B 88 -34.06 39.99 -3.45
N GLU B 89 -34.53 38.80 -3.82
CA GLU B 89 -33.94 37.58 -3.29
C GLU B 89 -32.43 37.53 -3.61
N ASP B 90 -31.89 38.68 -4.02
CA ASP B 90 -30.47 38.84 -4.28
C ASP B 90 -29.89 39.45 -2.99
N SER B 91 -30.75 40.13 -2.23
CA SER B 91 -30.37 40.75 -0.96
C SER B 91 -29.74 39.70 -0.04
N ALA B 92 -28.51 39.93 0.39
CA ALA B 92 -27.82 38.97 1.26
C ALA B 92 -26.36 39.34 1.55
N VAL B 93 -25.64 38.37 2.09
CA VAL B 93 -24.23 38.51 2.43
C VAL B 93 -23.46 37.51 1.57
N TYR B 94 -22.39 37.95 0.91
CA TYR B 94 -21.59 37.04 0.08
C TYR B 94 -20.15 36.87 0.56
N PHE B 95 -19.74 35.61 0.73
CA PHE B 95 -18.40 35.30 1.17
C PHE B 95 -17.63 34.65 0.04
N CYS B 96 -16.33 34.82 0.08
CA CYS B 96 -15.42 34.22 -0.88
C CYS B 96 -14.46 33.51 0.06
N ALA B 97 -14.15 32.27 -0.22
CA ALA B 97 -13.24 31.57 0.66
C ALA B 97 -12.32 30.70 -0.18
N ARG B 98 -11.08 30.57 0.29
CA ARG B 98 -10.12 29.74 -0.42
C ARG B 98 -10.49 28.28 -0.19
N SER B 99 -10.41 27.47 -1.25
CA SER B 99 -10.70 26.03 -1.15
C SER B 99 -9.37 25.29 -1.07
N VAL B 100 -9.34 24.11 -0.43
CA VAL B 100 -8.09 23.34 -0.22
C VAL B 100 -8.22 21.77 -0.35
N TYR B 101 -7.10 20.99 -0.40
CA TYR B 101 -7.09 19.49 -0.66
C TYR B 101 -7.21 18.12 0.27
N TYR B 102 -6.48 17.80 1.40
CA TYR B 102 -6.50 16.40 2.10
C TYR B 102 -7.55 15.34 1.81
N GLY B 103 -7.07 14.18 1.37
CA GLY B 103 -7.90 13.03 1.10
C GLY B 103 -8.94 13.08 0.01
N GLY B 104 -8.58 13.67 -1.13
CA GLY B 104 -9.53 13.74 -2.23
C GLY B 104 -10.89 14.33 -1.93
N SER B 105 -10.96 15.66 -2.01
CA SER B 105 -12.14 16.51 -1.79
C SER B 105 -11.73 17.77 -1.02
N TYR B 106 -12.06 18.91 -1.63
CA TYR B 106 -11.74 20.24 -1.12
C TYR B 106 -12.57 20.72 0.09
N TYR B 107 -12.11 21.81 0.71
CA TYR B 107 -12.79 22.46 1.84
C TYR B 107 -12.34 23.91 1.84
N PHE B 108 -13.06 24.78 2.53
CA PHE B 108 -12.73 26.20 2.57
C PHE B 108 -12.04 26.54 3.88
N ASP B 109 -10.74 26.80 3.81
CA ASP B 109 -9.98 27.09 5.00
C ASP B 109 -9.85 28.57 5.38
N TYR B 110 -10.18 29.47 4.46
CA TYR B 110 -10.11 30.90 4.75
C TYR B 110 -11.21 31.71 4.08
N TRP B 111 -11.96 32.45 4.87
CA TRP B 111 -13.07 33.27 4.36
C TRP B 111 -12.81 34.77 4.46
N GLY B 112 -13.69 35.54 3.83
CA GLY B 112 -13.59 36.98 3.89
C GLY B 112 -14.52 37.46 4.97
N GLN B 113 -14.74 38.77 5.05
CA GLN B 113 -15.66 39.29 6.06
C GLN B 113 -17.05 39.33 5.44
N GLY B 114 -17.13 38.99 4.16
CA GLY B 114 -18.40 39.01 3.47
C GLY B 114 -18.85 40.39 3.05
N THR B 115 -19.58 40.48 1.93
CA THR B 115 -20.07 41.75 1.44
C THR B 115 -21.60 41.68 1.57
N THR B 116 -22.22 42.79 1.97
CA THR B 116 -23.68 42.83 2.12
C THR B 116 -24.38 43.52 0.97
N LEU B 117 -25.18 42.76 0.23
CA LEU B 117 -25.89 43.31 -0.91
C LEU B 117 -27.33 43.56 -0.55
N THR B 118 -27.79 44.78 -0.75
CA THR B 118 -29.17 45.11 -0.45
C THR B 118 -29.79 45.66 -1.72
N VAL B 119 -30.82 44.98 -2.21
CA VAL B 119 -31.51 45.39 -3.43
C VAL B 119 -32.85 46.09 -3.10
N SER B 120 -32.85 47.42 -3.22
CA SER B 120 -34.03 48.25 -2.96
C SER B 120 -34.07 49.44 -3.92
N SER B 121 -35.07 50.30 -3.77
CA SER B 121 -35.18 51.45 -4.64
C SER B 121 -35.62 52.68 -3.90
N ALA B 122 -35.66 52.57 -2.58
CA ALA B 122 -36.02 53.71 -1.74
C ALA B 122 -34.82 54.61 -1.83
N LYS B 123 -34.87 55.79 -1.21
CA LYS B 123 -33.71 56.67 -1.26
C LYS B 123 -33.37 57.25 0.12
N THR B 124 -32.15 57.73 0.30
CA THR B 124 -31.78 58.29 1.60
C THR B 124 -33.03 59.03 2.13
N THR B 125 -33.59 58.51 3.23
CA THR B 125 -34.80 59.07 3.89
C THR B 125 -34.71 59.02 5.41
N PRO B 126 -34.82 60.19 6.06
CA PRO B 126 -34.77 60.32 7.52
C PRO B 126 -35.95 59.61 8.16
N PRO B 127 -35.83 59.23 9.45
CA PRO B 127 -36.93 58.55 10.14
C PRO B 127 -37.77 59.56 10.93
N SER B 128 -38.87 59.10 11.48
CA SER B 128 -39.71 59.96 12.30
C SER B 128 -39.69 59.31 13.67
N VAL B 129 -39.08 60.01 14.62
CA VAL B 129 -38.97 59.47 15.96
C VAL B 129 -40.27 59.73 16.71
N TYR B 130 -40.82 58.65 17.27
CA TYR B 130 -42.06 58.73 18.03
C TYR B 130 -41.81 58.26 19.44
N PRO B 131 -42.12 59.10 20.43
CA PRO B 131 -41.93 58.75 21.84
C PRO B 131 -42.96 57.75 22.33
N LEU B 132 -42.50 56.79 23.11
CA LEU B 132 -43.42 55.80 23.63
C LEU B 132 -43.52 55.98 25.14
N ALA B 133 -44.66 56.49 25.57
CA ALA B 133 -44.93 56.71 26.98
C ALA B 133 -46.21 55.98 27.38
N PRO B 134 -46.32 55.52 28.63
CA PRO B 134 -47.52 54.80 29.12
C PRO B 134 -48.71 55.83 29.11
N GLY B 135 -49.97 55.41 28.97
CA GLY B 135 -51.11 56.37 28.93
C GLY B 135 -51.76 56.95 30.22
N SER B 136 -52.78 57.84 30.12
CA SER B 136 -53.45 58.48 31.29
C SER B 136 -54.76 57.83 31.77
N ASN B 141 -44.97 49.06 38.88
CA ASN B 141 -44.90 50.36 39.52
C ASN B 141 -43.47 50.81 39.86
N SER B 142 -42.71 49.99 40.58
CA SER B 142 -41.33 50.34 40.96
C SER B 142 -40.38 50.71 39.79
N MET B 143 -40.46 49.96 38.69
CA MET B 143 -39.62 50.22 37.51
C MET B 143 -40.53 50.64 36.35
N VAL B 144 -40.06 51.54 35.49
CA VAL B 144 -40.86 52.02 34.35
C VAL B 144 -40.16 51.87 33.02
N THR B 145 -40.85 51.29 32.05
CA THR B 145 -40.26 51.14 30.74
C THR B 145 -40.83 52.16 29.77
N LEU B 146 -39.94 52.87 29.11
CA LEU B 146 -40.32 53.87 28.12
C LEU B 146 -39.78 53.37 26.81
N GLY B 147 -40.12 54.07 25.74
CA GLY B 147 -39.66 53.66 24.43
C GLY B 147 -39.53 54.81 23.46
N CYS B 148 -39.26 54.47 22.21
CA CYS B 148 -39.07 55.45 21.17
C CYS B 148 -39.18 54.69 19.85
N LEU B 149 -40.06 55.13 18.97
CA LEU B 149 -40.27 54.48 17.68
C LEU B 149 -39.63 55.25 16.53
N VAL B 150 -38.77 54.53 15.81
CA VAL B 150 -38.03 55.07 14.68
C VAL B 150 -38.62 54.41 13.43
N LYS B 151 -39.55 55.11 12.79
CA LYS B 151 -40.23 54.57 11.62
C LYS B 151 -39.98 55.31 10.30
N GLY B 152 -40.16 54.59 9.18
CA GLY B 152 -40.01 55.16 7.86
C GLY B 152 -38.68 55.70 7.34
N TYR B 153 -37.57 55.12 7.78
CA TYR B 153 -36.27 55.61 7.32
C TYR B 153 -35.67 54.65 6.32
N PHE B 154 -34.51 55.02 5.80
CA PHE B 154 -33.77 54.21 4.84
C PHE B 154 -32.56 55.00 4.42
N PRO B 155 -31.41 54.32 4.25
CA PRO B 155 -31.25 52.88 4.45
C PRO B 155 -30.61 52.71 5.81
N GLU B 156 -30.40 51.46 6.23
CA GLU B 156 -29.75 51.24 7.50
C GLU B 156 -28.37 51.90 7.36
N PRO B 157 -27.69 52.24 8.46
CA PRO B 157 -28.12 52.06 9.85
C PRO B 157 -28.66 53.34 10.48
N VAL B 158 -29.10 53.20 11.73
CA VAL B 158 -29.62 54.29 12.53
C VAL B 158 -29.11 54.00 13.93
N THR B 159 -28.56 55.01 14.61
CA THR B 159 -28.02 54.76 15.93
C THR B 159 -28.91 55.37 17.00
N VAL B 160 -29.32 54.53 17.95
CA VAL B 160 -30.18 55.00 19.02
C VAL B 160 -29.43 55.03 20.34
N THR B 161 -29.80 55.99 21.18
CA THR B 161 -29.19 56.14 22.50
C THR B 161 -30.20 56.77 23.43
N TRP B 162 -29.99 56.59 24.73
CA TRP B 162 -30.86 57.18 25.73
C TRP B 162 -30.09 58.17 26.61
N ASN B 163 -30.53 59.42 26.61
CA ASN B 163 -29.87 60.44 27.40
C ASN B 163 -28.41 60.50 26.96
N SER B 164 -28.18 60.57 25.66
CA SER B 164 -26.83 60.61 25.13
C SER B 164 -25.97 59.48 25.69
N GLY B 165 -26.60 58.35 25.98
CA GLY B 165 -25.85 57.20 26.48
C GLY B 165 -25.69 57.08 27.97
N SER B 166 -26.07 58.11 28.71
CA SER B 166 -25.97 58.06 30.17
C SER B 166 -26.80 56.90 30.73
N LEU B 167 -27.78 56.45 29.94
CA LEU B 167 -28.65 55.33 30.31
C LEU B 167 -28.27 54.18 29.40
N SER B 168 -27.42 53.30 29.93
CA SER B 168 -26.92 52.16 29.18
C SER B 168 -27.63 50.86 29.48
N SER B 169 -27.50 50.40 30.71
CA SER B 169 -28.12 49.15 31.11
C SER B 169 -29.62 49.25 30.92
N GLY B 170 -30.29 48.09 30.88
CA GLY B 170 -31.73 48.06 30.73
C GLY B 170 -32.27 48.67 29.46
N VAL B 171 -31.47 48.65 28.40
CA VAL B 171 -31.93 49.18 27.12
C VAL B 171 -32.00 48.05 26.13
N HIS B 172 -32.89 48.20 25.17
CA HIS B 172 -33.10 47.21 24.13
C HIS B 172 -33.44 47.94 22.84
N THR B 173 -32.61 47.75 21.81
CA THR B 173 -32.83 48.37 20.51
C THR B 173 -32.99 47.20 19.54
N PHE B 174 -34.20 47.02 19.04
CA PHE B 174 -34.56 45.92 18.14
C PHE B 174 -34.13 46.07 16.71
N PRO B 175 -33.90 44.94 16.05
CA PRO B 175 -33.47 44.89 14.64
C PRO B 175 -34.59 45.53 13.84
N ALA B 176 -34.24 46.19 12.74
CA ALA B 176 -35.26 46.84 11.92
C ALA B 176 -36.04 45.82 11.08
N VAL B 177 -37.16 46.28 10.52
CA VAL B 177 -38.00 45.46 9.64
C VAL B 177 -38.39 46.36 8.49
N LEU B 178 -38.55 45.76 7.31
CA LEU B 178 -38.95 46.51 6.13
C LEU B 178 -40.46 46.68 6.17
N GLN B 179 -40.91 47.91 6.38
CA GLN B 179 -42.33 48.18 6.41
C GLN B 179 -42.80 48.28 4.97
N SER B 180 -43.04 49.51 4.52
CA SER B 180 -43.50 49.70 3.15
C SER B 180 -42.36 50.22 2.29
N ASP B 181 -41.42 49.33 1.98
CA ASP B 181 -40.24 49.68 1.17
C ASP B 181 -39.28 50.54 1.97
N LEU B 182 -39.49 50.62 3.29
CA LEU B 182 -38.63 51.41 4.19
C LEU B 182 -38.32 50.62 5.47
N TYR B 183 -37.57 51.24 6.38
CA TYR B 183 -37.22 50.60 7.65
C TYR B 183 -37.86 51.25 8.84
N THR B 184 -38.08 50.44 9.87
CA THR B 184 -38.71 50.89 11.10
C THR B 184 -38.12 50.08 12.23
N LEU B 185 -37.79 50.72 13.35
CA LEU B 185 -37.28 50.00 14.51
C LEU B 185 -37.76 50.65 15.79
N SER B 186 -37.60 49.93 16.90
CA SER B 186 -38.05 50.46 18.19
C SER B 186 -36.93 50.34 19.20
N SER B 187 -37.10 50.97 20.35
CA SER B 187 -36.07 50.92 21.38
C SER B 187 -36.71 51.20 22.73
N SER B 188 -36.36 50.37 23.71
CA SER B 188 -36.88 50.53 25.07
C SER B 188 -35.75 50.82 26.08
N VAL B 189 -36.14 51.26 27.27
CA VAL B 189 -35.19 51.54 28.32
C VAL B 189 -35.98 51.41 29.61
N THR B 190 -35.43 50.69 30.57
CA THR B 190 -36.11 50.49 31.84
C THR B 190 -35.40 51.22 32.97
N VAL B 191 -36.04 52.26 33.49
CA VAL B 191 -35.49 53.08 34.57
C VAL B 191 -36.46 53.07 35.75
N PRO B 192 -35.97 53.33 36.96
CA PRO B 192 -36.80 53.37 38.17
C PRO B 192 -37.88 54.44 38.06
N SER B 193 -38.95 54.32 38.84
CA SER B 193 -40.05 55.30 38.82
C SER B 193 -39.66 56.67 39.34
N SER B 194 -38.64 56.70 40.19
CA SER B 194 -38.18 57.95 40.76
C SER B 194 -37.53 58.82 39.67
N PRO B 195 -36.83 58.20 38.69
CA PRO B 195 -36.17 58.94 37.60
C PRO B 195 -37.12 59.65 36.63
N ARG B 196 -38.18 58.97 36.20
CA ARG B 196 -39.15 59.56 35.28
C ARG B 196 -40.54 59.44 35.86
N PRO B 197 -41.38 60.44 35.64
CA PRO B 197 -41.06 61.67 34.89
C PRO B 197 -40.29 62.73 35.68
N SER B 198 -39.77 62.35 36.83
CA SER B 198 -39.01 63.26 37.68
C SER B 198 -37.98 64.02 36.83
N GLU B 199 -37.01 63.27 36.30
CA GLU B 199 -35.95 63.83 35.47
C GLU B 199 -36.31 63.60 34.01
N THR B 200 -35.38 63.97 33.12
CA THR B 200 -35.59 63.84 31.70
C THR B 200 -35.02 62.54 31.09
N VAL B 201 -35.78 61.93 30.17
CA VAL B 201 -35.38 60.70 29.47
C VAL B 201 -35.54 60.99 27.99
N THR B 202 -34.44 60.95 27.23
CA THR B 202 -34.48 61.32 25.81
C THR B 202 -33.83 60.34 24.88
N CYS B 203 -34.45 60.02 23.75
CA CYS B 203 -33.80 59.11 22.82
C CYS B 203 -33.02 59.89 21.79
N ASN B 204 -31.80 59.44 21.51
CA ASN B 204 -30.98 60.12 20.53
C ASN B 204 -30.87 59.21 19.29
N VAL B 205 -31.62 59.57 18.26
CA VAL B 205 -31.60 58.78 17.06
C VAL B 205 -30.79 59.46 15.98
N ALA B 206 -29.81 58.73 15.46
CA ALA B 206 -28.98 59.26 14.42
C ALA B 206 -29.17 58.39 13.19
N HIS B 207 -29.36 59.07 12.06
CA HIS B 207 -29.48 58.40 10.78
C HIS B 207 -28.49 59.10 9.87
N PRO B 208 -27.28 58.56 9.77
CA PRO B 208 -26.13 59.00 8.98
C PRO B 208 -26.44 59.37 7.54
N ALA B 209 -26.85 58.37 6.77
CA ALA B 209 -27.16 58.54 5.35
C ALA B 209 -27.89 59.85 5.04
N SER B 210 -28.83 60.24 5.91
CA SER B 210 -29.57 61.48 5.67
C SER B 210 -29.01 62.64 6.48
N SER B 211 -27.90 62.40 7.18
CA SER B 211 -27.29 63.45 8.00
C SER B 211 -28.41 63.99 8.89
N THR B 212 -28.89 63.12 9.77
CA THR B 212 -29.97 63.46 10.68
C THR B 212 -29.66 63.03 12.12
N LYS B 213 -29.93 63.93 13.05
CA LYS B 213 -29.74 63.66 14.46
C LYS B 213 -31.01 64.18 15.13
N VAL B 214 -31.61 63.36 15.98
CA VAL B 214 -32.84 63.71 16.66
C VAL B 214 -32.85 63.33 18.12
N ASP B 215 -33.37 64.23 18.92
CA ASP B 215 -33.47 64.04 20.34
C ASP B 215 -34.91 64.24 20.72
N LYS B 216 -35.60 63.13 20.97
CA LYS B 216 -36.99 63.20 21.35
C LYS B 216 -37.16 62.93 22.84
N LYS B 217 -37.86 63.83 23.52
CA LYS B 217 -38.09 63.68 24.95
C LYS B 217 -39.38 62.94 25.25
N ILE B 218 -39.29 61.92 26.10
CA ILE B 218 -40.44 61.11 26.50
C ILE B 218 -41.20 61.84 27.60
N VAL B 219 -42.32 62.44 27.23
CA VAL B 219 -43.13 63.19 28.18
C VAL B 219 -44.40 62.46 28.59
N PRO B 220 -44.85 62.67 29.83
CA PRO B 220 -46.06 62.04 30.38
C PRO B 220 -47.34 62.29 29.59
N ARG B 221 -48.35 61.44 29.82
CA ARG B 221 -49.65 61.46 29.14
C ARG B 221 -49.43 60.93 27.70
N ASP B 222 -50.51 60.65 26.96
CA ASP B 222 -50.43 60.11 25.58
C ASP B 222 -49.72 60.97 24.53
N ASP C 1 5.71 -26.76 -5.57
CA ASP C 1 6.61 -25.67 -5.08
C ASP C 1 7.01 -24.80 -6.28
N ILE C 2 8.13 -24.09 -6.17
CA ILE C 2 8.58 -23.21 -7.25
C ILE C 2 9.63 -23.90 -8.12
N GLN C 3 9.21 -24.37 -9.30
CA GLN C 3 10.12 -25.08 -10.18
C GLN C 3 11.14 -24.23 -10.89
N MET C 4 12.40 -24.45 -10.52
CA MET C 4 13.51 -23.77 -11.15
C MET C 4 13.88 -24.73 -12.28
N THR C 5 14.26 -24.14 -13.39
CA THR C 5 14.65 -24.89 -14.58
C THR C 5 15.85 -24.08 -15.09
N GLN C 6 16.78 -24.73 -15.78
CA GLN C 6 17.95 -24.07 -16.35
C GLN C 6 18.15 -24.65 -17.73
N THR C 7 17.52 -24.01 -18.69
CA THR C 7 17.54 -24.45 -20.07
C THR C 7 18.95 -24.35 -20.74
N THR C 8 19.66 -25.49 -20.72
CA THR C 8 21.01 -25.74 -21.27
C THR C 8 21.76 -26.59 -20.25
N SER C 9 21.83 -27.88 -20.48
CA SER C 9 22.53 -28.70 -19.51
C SER C 9 24.03 -28.39 -19.68
N SER C 10 24.49 -28.40 -20.92
CA SER C 10 25.88 -28.13 -21.20
C SER C 10 26.06 -26.85 -21.99
N LEU C 11 27.00 -26.01 -21.58
CA LEU C 11 27.27 -24.77 -22.30
C LEU C 11 28.71 -24.78 -22.79
N SER C 12 28.90 -24.50 -24.07
CA SER C 12 30.23 -24.46 -24.64
C SER C 12 30.76 -23.05 -24.61
N ALA C 13 32.07 -22.93 -24.50
CA ALA C 13 32.72 -21.64 -24.49
C ALA C 13 34.22 -21.81 -24.72
N SER C 14 34.91 -20.70 -24.98
CA SER C 14 36.35 -20.74 -25.15
C SER C 14 36.84 -19.82 -24.04
N LEU C 15 38.01 -20.10 -23.50
CA LEU C 15 38.52 -19.27 -22.41
C LEU C 15 38.59 -17.80 -22.82
N GLY C 16 38.13 -16.93 -21.92
CA GLY C 16 38.13 -15.51 -22.21
C GLY C 16 36.89 -15.13 -22.99
N ASP C 17 35.80 -15.86 -22.79
CA ASP C 17 34.55 -15.57 -23.48
C ASP C 17 33.58 -15.09 -22.44
N ARG C 18 32.65 -14.23 -22.84
CA ARG C 18 31.67 -13.79 -21.90
C ARG C 18 30.74 -14.99 -21.87
N VAL C 19 30.60 -15.60 -20.70
CA VAL C 19 29.72 -16.74 -20.56
C VAL C 19 28.47 -16.34 -19.79
N THR C 20 27.30 -16.55 -20.38
CA THR C 20 26.08 -16.21 -19.67
C THR C 20 25.21 -17.44 -19.52
N ILE C 21 24.93 -17.73 -18.26
CA ILE C 21 24.18 -18.88 -17.87
C ILE C 21 22.83 -18.37 -17.38
N SER C 22 21.75 -19.00 -17.86
CA SER C 22 20.38 -18.60 -17.51
C SER C 22 19.61 -19.40 -16.43
N CYS C 23 18.61 -18.75 -15.82
CA CYS C 23 17.77 -19.31 -14.77
C CYS C 23 16.35 -18.73 -14.82
N ARG C 24 15.35 -19.61 -14.78
CA ARG C 24 13.95 -19.22 -14.85
C ARG C 24 13.07 -19.87 -13.77
N ALA C 25 12.38 -19.04 -12.99
CA ALA C 25 11.50 -19.50 -11.92
C ALA C 25 10.05 -19.68 -12.38
N SER C 26 9.33 -20.55 -11.69
CA SER C 26 7.94 -20.83 -12.01
C SER C 26 7.08 -19.64 -11.63
N GLN C 27 7.62 -18.75 -10.82
CA GLN C 27 6.86 -17.59 -10.39
C GLN C 27 7.77 -16.47 -9.92
N ASP C 28 7.17 -15.37 -9.46
CA ASP C 28 7.95 -14.23 -8.97
C ASP C 28 8.74 -14.59 -7.73
N ILE C 29 10.07 -14.58 -7.87
CA ILE C 29 10.96 -14.92 -6.76
C ILE C 29 11.29 -13.70 -5.91
N SER C 30 10.82 -12.54 -6.36
CA SER C 30 11.07 -11.31 -5.62
C SER C 30 12.59 -11.07 -5.44
N ASN C 31 13.35 -11.44 -6.48
CA ASN C 31 14.80 -11.25 -6.49
C ASN C 31 15.59 -12.09 -5.46
N TYR C 32 15.01 -13.22 -5.02
CA TYR C 32 15.72 -14.05 -4.05
C TYR C 32 16.33 -15.25 -4.76
N LEU C 33 17.35 -14.99 -5.55
CA LEU C 33 18.03 -16.03 -6.29
C LEU C 33 19.53 -16.13 -5.94
N ASN C 34 20.01 -17.36 -5.77
CA ASN C 34 21.42 -17.57 -5.45
C ASN C 34 22.08 -18.44 -6.51
N TRP C 35 23.39 -18.33 -6.61
CA TRP C 35 24.19 -19.11 -7.56
C TRP C 35 25.35 -19.83 -6.87
N TYR C 36 25.44 -21.13 -7.09
CA TYR C 36 26.52 -21.92 -6.51
C TYR C 36 27.34 -22.49 -7.66
N GLN C 37 28.63 -22.66 -7.43
CA GLN C 37 29.51 -23.19 -8.45
C GLN C 37 30.10 -24.50 -7.93
N GLN C 38 29.98 -25.56 -8.72
CA GLN C 38 30.51 -26.85 -8.29
C GLN C 38 31.60 -27.33 -9.23
N LYS C 39 32.80 -27.48 -8.72
CA LYS C 39 33.90 -27.97 -9.54
C LYS C 39 33.84 -29.50 -9.66
N PRO C 40 34.38 -30.06 -10.74
CA PRO C 40 34.40 -31.50 -10.98
C PRO C 40 34.83 -32.35 -9.79
N ASP C 41 35.56 -31.76 -8.86
CA ASP C 41 35.97 -32.53 -7.71
C ASP C 41 34.84 -32.57 -6.65
N GLY C 42 33.63 -32.22 -7.10
CA GLY C 42 32.44 -32.25 -6.26
C GLY C 42 32.16 -31.11 -5.30
N THR C 43 33.13 -30.23 -5.15
CA THR C 43 33.00 -29.11 -4.23
C THR C 43 32.04 -28.04 -4.71
N VAL C 44 31.29 -27.51 -3.76
CA VAL C 44 30.33 -26.45 -4.06
C VAL C 44 30.80 -25.20 -3.32
N LYS C 45 30.57 -24.05 -3.92
CA LYS C 45 30.99 -22.77 -3.35
C LYS C 45 29.94 -21.74 -3.74
N LEU C 46 29.64 -20.79 -2.86
CA LEU C 46 28.65 -19.76 -3.18
C LEU C 46 29.29 -18.62 -4.01
N LEU C 47 28.59 -18.18 -5.05
CA LEU C 47 29.12 -17.13 -5.92
C LEU C 47 28.39 -15.83 -5.70
N ILE C 48 27.10 -15.88 -5.96
CA ILE C 48 26.27 -14.71 -5.86
C ILE C 48 25.05 -15.00 -5.01
N TYR C 49 24.50 -13.95 -4.42
CA TYR C 49 23.30 -14.08 -3.63
C TYR C 49 22.42 -12.85 -3.81
N TYR C 50 21.19 -12.99 -3.35
CA TYR C 50 20.20 -11.95 -3.47
C TYR C 50 20.05 -11.46 -4.89
N THR C 51 19.12 -12.09 -5.60
CA THR C 51 18.76 -11.77 -6.98
C THR C 51 19.94 -11.53 -7.89
N SER C 52 21.03 -12.23 -7.60
CA SER C 52 22.22 -12.04 -8.40
C SER C 52 22.73 -10.69 -7.92
N ARG C 53 23.84 -10.26 -8.48
CA ARG C 53 24.45 -8.99 -8.11
C ARG C 53 25.42 -9.13 -6.91
N LEU C 54 24.90 -9.46 -5.73
CA LEU C 54 25.75 -9.57 -4.54
C LEU C 54 26.79 -10.71 -4.49
N HIS C 55 28.07 -10.33 -4.39
CA HIS C 55 29.22 -11.22 -4.32
C HIS C 55 29.52 -11.87 -2.97
N SER C 56 30.72 -12.42 -2.79
CA SER C 56 31.07 -13.06 -1.52
C SER C 56 32.56 -12.89 -1.15
N GLY C 57 33.42 -12.98 -2.17
CA GLY C 57 34.86 -12.85 -1.99
C GLY C 57 35.47 -13.36 -3.28
N VAL C 58 34.59 -13.63 -4.23
CA VAL C 58 34.93 -14.14 -5.54
C VAL C 58 35.35 -13.00 -6.48
N PRO C 59 35.98 -13.34 -7.63
CA PRO C 59 36.43 -12.39 -8.64
C PRO C 59 35.36 -11.48 -9.21
N SER C 60 35.81 -10.30 -9.59
CA SER C 60 34.94 -9.30 -10.16
C SER C 60 34.27 -9.78 -11.44
N ARG C 61 34.91 -10.67 -12.18
CA ARG C 61 34.33 -11.14 -13.43
C ARG C 61 32.93 -11.73 -13.27
N PHE C 62 32.65 -12.33 -12.12
CA PHE C 62 31.34 -12.92 -11.87
C PHE C 62 30.33 -11.81 -11.59
N SER C 63 29.33 -11.71 -12.43
CA SER C 63 28.32 -10.69 -12.28
C SER C 63 26.97 -11.40 -12.25
N GLY C 64 25.92 -10.71 -11.86
CA GLY C 64 24.61 -11.33 -11.83
C GLY C 64 23.41 -10.41 -11.83
N SER C 65 22.38 -10.74 -12.61
CA SER C 65 21.18 -9.92 -12.67
C SER C 65 19.95 -10.77 -12.96
N GLY C 66 18.79 -10.09 -13.00
CA GLY C 66 17.53 -10.75 -13.27
C GLY C 66 16.45 -10.17 -12.36
N SER C 67 15.19 -10.40 -12.69
CA SER C 67 14.10 -9.88 -11.87
C SER C 67 12.85 -10.74 -12.01
N GLY C 68 11.96 -10.65 -11.03
CA GLY C 68 10.73 -11.42 -11.07
C GLY C 68 10.93 -12.91 -11.32
N THR C 69 10.96 -13.32 -12.59
CA THR C 69 11.11 -14.74 -12.94
C THR C 69 12.38 -15.14 -13.69
N ASP C 70 12.99 -14.21 -14.41
CA ASP C 70 14.22 -14.50 -15.14
C ASP C 70 15.44 -13.88 -14.46
N TYR C 71 16.53 -14.63 -14.42
CA TYR C 71 17.77 -14.17 -13.82
C TYR C 71 18.93 -14.72 -14.63
N SER C 72 20.16 -14.41 -14.24
CA SER C 72 21.32 -14.91 -14.98
C SER C 72 22.65 -14.55 -14.34
N LEU C 73 23.64 -15.41 -14.58
CA LEU C 73 24.99 -15.23 -14.06
C LEU C 73 25.91 -14.99 -15.25
N THR C 74 26.79 -14.01 -15.15
CA THR C 74 27.71 -13.73 -16.24
C THR C 74 29.14 -13.72 -15.79
N ILE C 75 29.94 -14.40 -16.57
CA ILE C 75 31.35 -14.52 -16.29
C ILE C 75 32.19 -13.72 -17.29
N SER C 76 31.94 -12.42 -17.36
CA SER C 76 32.61 -11.46 -18.25
C SER C 76 33.84 -11.94 -19.01
N ASN C 77 34.68 -12.68 -18.31
CA ASN C 77 35.90 -13.15 -18.92
C ASN C 77 36.21 -14.51 -18.29
N LEU C 78 35.91 -15.57 -19.06
CA LEU C 78 36.06 -16.97 -18.62
C LEU C 78 37.45 -17.48 -18.38
N GLU C 79 37.52 -18.47 -17.50
CA GLU C 79 38.77 -19.05 -17.15
C GLU C 79 38.80 -20.52 -16.87
N GLN C 80 39.98 -21.09 -17.05
CA GLN C 80 40.12 -22.49 -16.82
C GLN C 80 39.40 -22.82 -15.52
N GLU C 81 39.89 -22.29 -14.41
CA GLU C 81 39.28 -22.57 -13.12
C GLU C 81 37.77 -22.37 -13.11
N ASP C 82 37.24 -21.72 -14.15
CA ASP C 82 35.81 -21.47 -14.23
C ASP C 82 35.00 -22.56 -14.91
N ILE C 83 35.67 -23.61 -15.38
CA ILE C 83 34.97 -24.73 -16.02
C ILE C 83 34.41 -25.58 -14.88
N ALA C 84 33.09 -25.53 -14.71
CA ALA C 84 32.40 -26.28 -13.66
C ALA C 84 30.90 -26.23 -13.92
N THR C 85 30.11 -26.76 -13.00
CA THR C 85 28.66 -26.75 -13.13
C THR C 85 28.04 -25.67 -12.25
N TYR C 86 27.15 -24.85 -12.82
CA TYR C 86 26.51 -23.78 -12.05
C TYR C 86 25.01 -23.99 -11.85
N PHE C 87 24.55 -23.91 -10.60
CA PHE C 87 23.14 -24.07 -10.27
C PHE C 87 22.63 -22.75 -9.70
N CYS C 88 21.36 -22.42 -9.94
CA CYS C 88 20.76 -21.23 -9.34
C CYS C 88 19.80 -21.78 -8.29
N GLN C 89 19.35 -20.93 -7.38
CA GLN C 89 18.48 -21.44 -6.33
C GLN C 89 17.60 -20.36 -5.74
N GLN C 90 16.28 -20.58 -5.77
CA GLN C 90 15.32 -19.63 -5.22
C GLN C 90 15.13 -19.89 -3.73
N GLY C 91 15.14 -18.82 -2.94
CA GLY C 91 14.97 -18.94 -1.51
C GLY C 91 13.78 -18.12 -1.05
N ASN C 92 12.84 -17.93 -1.97
CA ASN C 92 11.64 -17.16 -1.69
C ASN C 92 10.64 -18.00 -0.92
N THR C 93 10.18 -19.08 -1.55
CA THR C 93 9.22 -19.97 -0.93
C THR C 93 9.89 -21.28 -0.51
N LEU C 94 9.21 -22.03 0.36
CA LEU C 94 9.70 -23.32 0.85
C LEU C 94 8.93 -24.43 0.14
N PRO C 95 9.59 -25.56 -0.16
CA PRO C 95 10.99 -25.92 0.08
C PRO C 95 11.95 -25.19 -0.87
N ARG C 96 13.13 -24.86 -0.36
CA ARG C 96 14.14 -24.16 -1.17
C ARG C 96 14.48 -25.02 -2.40
N THR C 97 14.43 -24.40 -3.58
CA THR C 97 14.71 -25.10 -4.82
C THR C 97 15.95 -24.65 -5.58
N PHE C 98 16.53 -25.61 -6.31
CA PHE C 98 17.71 -25.40 -7.12
C PHE C 98 17.33 -25.56 -8.59
N GLY C 99 18.27 -25.24 -9.47
CA GLY C 99 18.03 -25.40 -10.89
C GLY C 99 18.62 -26.73 -11.31
N GLY C 100 18.55 -27.02 -12.60
CA GLY C 100 19.10 -28.29 -13.05
C GLY C 100 20.60 -28.22 -13.11
N GLY C 101 21.09 -27.00 -13.32
CA GLY C 101 22.52 -26.80 -13.42
C GLY C 101 22.92 -26.62 -14.85
N THR C 102 24.16 -26.17 -15.02
CA THR C 102 24.72 -25.94 -16.35
C THR C 102 26.23 -26.19 -16.33
N LYS C 103 26.67 -27.25 -17.00
CA LYS C 103 28.09 -27.61 -17.07
C LYS C 103 28.75 -26.96 -18.27
N LEU C 104 29.82 -26.21 -18.02
CA LEU C 104 30.55 -25.54 -19.10
C LEU C 104 31.42 -26.59 -19.75
N GLU C 105 32.01 -26.24 -20.88
CA GLU C 105 32.90 -27.15 -21.57
C GLU C 105 33.63 -26.32 -22.63
N ILE C 106 34.87 -26.70 -22.92
CA ILE C 106 35.68 -25.96 -23.89
C ILE C 106 35.38 -26.29 -25.34
N LYS C 107 35.32 -25.26 -26.18
CA LYS C 107 35.07 -25.44 -27.60
C LYS C 107 36.28 -26.05 -28.29
N ARG C 108 36.07 -27.19 -28.91
CA ARG C 108 37.13 -27.87 -29.64
C ARG C 108 36.58 -28.00 -31.07
N ALA C 109 37.42 -28.26 -32.04
CA ALA C 109 36.91 -28.42 -33.38
C ALA C 109 36.42 -29.88 -33.51
N ASP C 110 35.30 -30.08 -34.20
CA ASP C 110 34.75 -31.43 -34.37
C ASP C 110 35.87 -32.42 -34.66
N ALA C 111 35.71 -33.67 -34.28
CA ALA C 111 36.81 -34.59 -34.51
C ALA C 111 36.52 -35.93 -35.17
N ALA C 112 35.47 -36.63 -34.71
CA ALA C 112 35.11 -37.95 -35.25
C ALA C 112 35.76 -38.97 -34.33
N PRO C 113 34.96 -39.92 -33.83
CA PRO C 113 35.41 -40.97 -32.92
C PRO C 113 36.17 -42.13 -33.52
N THR C 114 37.19 -42.57 -32.79
CA THR C 114 37.98 -43.72 -33.19
C THR C 114 37.18 -44.89 -32.60
N VAL C 115 37.00 -45.95 -33.37
CA VAL C 115 36.21 -47.08 -32.91
C VAL C 115 36.97 -48.41 -32.95
N SER C 116 36.90 -49.15 -31.85
CA SER C 116 37.58 -50.43 -31.74
C SER C 116 36.65 -51.43 -31.11
N ILE C 117 36.57 -52.62 -31.67
CA ILE C 117 35.71 -53.63 -31.08
C ILE C 117 36.59 -54.80 -30.67
N PHE C 118 36.27 -55.43 -29.54
CA PHE C 118 37.06 -56.54 -29.03
C PHE C 118 36.21 -57.73 -28.65
N PRO C 119 36.59 -58.93 -29.14
CA PRO C 119 35.83 -60.13 -28.82
C PRO C 119 36.18 -60.56 -27.41
N PRO C 120 35.32 -61.39 -26.79
CA PRO C 120 35.57 -61.85 -25.42
C PRO C 120 36.97 -62.42 -25.32
N SER C 121 37.58 -62.33 -24.16
CA SER C 121 38.91 -62.88 -23.98
C SER C 121 38.79 -64.38 -23.80
N SER C 122 39.89 -65.07 -23.97
CA SER C 122 39.89 -66.51 -23.79
C SER C 122 39.58 -66.72 -22.32
N GLU C 123 40.34 -66.02 -21.48
CA GLU C 123 40.18 -66.13 -20.05
C GLU C 123 38.72 -66.04 -19.57
N GLN C 124 37.97 -65.04 -20.05
CA GLN C 124 36.57 -64.88 -19.60
C GLN C 124 35.69 -65.98 -20.13
N LEU C 125 36.00 -66.44 -21.33
CA LEU C 125 35.21 -67.50 -21.93
C LEU C 125 35.18 -68.71 -21.02
N THR C 126 36.35 -69.13 -20.58
CA THR C 126 36.45 -70.29 -19.70
C THR C 126 35.68 -70.08 -18.40
N SER C 127 35.20 -68.85 -18.18
CA SER C 127 34.44 -68.53 -16.98
C SER C 127 32.95 -68.57 -17.28
N GLY C 128 32.62 -68.99 -18.50
CA GLY C 128 31.22 -69.10 -18.88
C GLY C 128 30.56 -67.85 -19.44
N GLY C 129 31.12 -66.68 -19.11
CA GLY C 129 30.56 -65.44 -19.62
C GLY C 129 31.29 -64.92 -20.85
N ALA C 130 30.71 -63.95 -21.55
CA ALA C 130 31.35 -63.38 -22.73
C ALA C 130 31.05 -61.89 -22.88
N SER C 131 32.10 -61.08 -22.96
CA SER C 131 31.91 -59.65 -23.12
C SER C 131 32.59 -59.14 -24.38
N VAL C 132 31.84 -58.39 -25.19
CA VAL C 132 32.38 -57.82 -26.42
C VAL C 132 32.43 -56.32 -26.16
N VAL C 133 33.63 -55.78 -26.00
CA VAL C 133 33.75 -54.36 -25.74
C VAL C 133 33.92 -53.57 -27.03
N CYS C 134 33.57 -52.29 -26.98
CA CYS C 134 33.71 -51.42 -28.14
C CYS C 134 34.01 -50.00 -27.66
N PHE C 135 35.11 -49.44 -28.14
CA PHE C 135 35.51 -48.09 -27.77
C PHE C 135 35.35 -47.06 -28.88
N LEU C 136 34.83 -45.90 -28.48
CA LEU C 136 34.63 -44.76 -29.37
C LEU C 136 35.49 -43.73 -28.66
N ASN C 137 36.67 -43.43 -29.17
CA ASN C 137 37.49 -42.48 -28.46
C ASN C 137 37.83 -41.18 -29.16
N ASN C 138 37.99 -40.15 -28.32
CA ASN C 138 38.35 -38.81 -28.73
C ASN C 138 37.44 -38.16 -29.75
N PHE C 139 36.18 -38.00 -29.39
CA PHE C 139 35.26 -37.37 -30.30
C PHE C 139 34.72 -36.05 -29.69
N TYR C 140 34.24 -35.18 -30.58
CA TYR C 140 33.67 -33.88 -30.23
C TYR C 140 32.76 -33.54 -31.41
N PRO C 141 31.54 -33.07 -31.14
CA PRO C 141 30.98 -32.86 -29.80
C PRO C 141 30.64 -34.13 -29.02
N LYS C 142 30.26 -33.94 -27.77
CA LYS C 142 29.94 -35.06 -26.89
C LYS C 142 28.78 -35.96 -27.30
N ASP C 143 27.69 -35.40 -27.82
CA ASP C 143 26.57 -36.24 -28.21
C ASP C 143 26.91 -37.28 -29.28
N ILE C 144 26.77 -38.55 -28.93
CA ILE C 144 27.04 -39.67 -29.83
C ILE C 144 26.04 -40.78 -29.54
N ASN C 145 26.06 -41.85 -30.34
CA ASN C 145 25.16 -42.97 -30.10
C ASN C 145 25.77 -44.22 -30.73
N VAL C 146 25.75 -45.29 -29.95
CA VAL C 146 26.30 -46.57 -30.40
C VAL C 146 25.17 -47.58 -30.61
N LYS C 147 25.35 -48.50 -31.58
CA LYS C 147 24.36 -49.54 -31.88
C LYS C 147 25.03 -50.90 -32.05
N TRP C 148 24.58 -51.91 -31.32
CA TRP C 148 25.15 -53.25 -31.42
C TRP C 148 24.31 -54.16 -32.29
N LYS C 149 24.96 -54.90 -33.19
CA LYS C 149 24.24 -55.82 -34.06
C LYS C 149 24.80 -57.23 -33.98
N ILE C 150 23.94 -58.18 -33.62
CA ILE C 150 24.35 -59.58 -33.56
C ILE C 150 23.77 -60.24 -34.80
N ASP C 151 24.62 -60.88 -35.57
CA ASP C 151 24.17 -61.50 -36.80
C ASP C 151 23.29 -60.55 -37.59
N GLY C 152 23.88 -59.40 -37.90
CA GLY C 152 23.23 -58.39 -38.72
C GLY C 152 21.92 -57.86 -38.21
N SER C 153 21.85 -57.75 -36.90
CA SER C 153 20.65 -57.24 -36.37
C SER C 153 20.71 -56.95 -34.93
N GLU C 154 19.86 -55.98 -34.72
CA GLU C 154 19.42 -55.31 -33.56
C GLU C 154 19.54 -56.16 -32.27
N ARG C 155 20.17 -55.56 -31.26
CA ARG C 155 20.45 -56.18 -29.97
C ARG C 155 20.48 -55.06 -28.93
N GLN C 156 19.83 -55.22 -27.77
CA GLN C 156 19.82 -54.11 -26.83
C GLN C 156 19.89 -54.45 -25.34
N ASN C 157 19.95 -55.74 -25.06
CA ASN C 157 20.06 -56.18 -23.69
C ASN C 157 21.52 -56.56 -23.48
N GLY C 158 22.06 -56.30 -22.30
CA GLY C 158 23.44 -56.65 -22.04
C GLY C 158 24.39 -55.57 -22.49
N VAL C 159 23.84 -54.49 -23.03
CA VAL C 159 24.66 -53.38 -23.47
C VAL C 159 24.73 -52.37 -22.33
N LEU C 160 25.95 -52.09 -21.87
CA LEU C 160 26.14 -51.12 -20.81
C LEU C 160 27.17 -50.13 -21.27
N ASN C 161 26.83 -48.86 -21.18
CA ASN C 161 27.73 -47.80 -21.64
C ASN C 161 28.27 -46.89 -20.55
N SER C 162 29.41 -46.25 -20.85
CA SER C 162 30.06 -45.31 -19.95
C SER C 162 30.60 -44.13 -20.75
N TRP C 163 30.57 -42.93 -20.16
CA TRP C 163 31.06 -41.75 -20.84
C TRP C 163 32.06 -41.02 -19.99
N THR C 164 33.20 -40.67 -20.57
CA THR C 164 34.22 -39.93 -19.81
C THR C 164 33.89 -38.46 -19.94
N ASP C 165 34.40 -37.69 -18.99
CA ASP C 165 34.22 -36.24 -18.95
C ASP C 165 35.10 -35.64 -20.02
N GLN C 166 34.88 -34.38 -20.37
CA GLN C 166 35.72 -33.73 -21.37
C GLN C 166 37.16 -33.90 -20.92
N ASP C 167 38.07 -34.05 -21.88
CA ASP C 167 39.50 -34.27 -21.60
C ASP C 167 40.24 -32.96 -21.29
N SER C 168 41.30 -33.07 -20.49
CA SER C 168 42.12 -31.93 -20.07
C SER C 168 43.08 -31.40 -21.15
N LYS C 169 43.73 -32.34 -21.84
CA LYS C 169 44.69 -32.06 -22.90
C LYS C 169 44.01 -31.60 -24.18
N ASP C 170 43.01 -32.35 -24.62
CA ASP C 170 42.22 -32.02 -25.79
C ASP C 170 40.82 -31.89 -25.21
N SER C 171 39.89 -31.27 -25.92
CA SER C 171 38.57 -31.16 -25.32
C SER C 171 37.63 -32.14 -25.97
N THR C 172 38.08 -33.39 -26.05
CA THR C 172 37.29 -34.48 -26.66
C THR C 172 36.72 -35.41 -25.62
N TYR C 173 35.70 -36.16 -26.00
CA TYR C 173 35.07 -37.11 -25.10
C TYR C 173 35.28 -38.51 -25.71
N SER C 174 35.12 -39.55 -24.90
CA SER C 174 35.27 -40.92 -25.38
C SER C 174 34.18 -41.82 -24.77
N MET C 175 33.94 -42.98 -25.37
CA MET C 175 32.90 -43.87 -24.87
C MET C 175 33.19 -45.38 -24.85
N SER C 176 32.70 -46.08 -23.83
CA SER C 176 32.90 -47.53 -23.69
C SER C 176 31.59 -48.34 -23.58
N SER C 177 31.30 -49.12 -24.63
CA SER C 177 30.08 -49.93 -24.68
C SER C 177 30.38 -51.41 -24.56
N THR C 178 29.65 -52.08 -23.68
CA THR C 178 29.89 -53.49 -23.43
C THR C 178 28.64 -54.37 -23.50
N LEU C 179 28.54 -55.19 -24.56
CA LEU C 179 27.42 -56.13 -24.72
C LEU C 179 27.88 -57.43 -24.09
N THR C 180 27.19 -57.82 -23.02
CA THR C 180 27.53 -58.99 -22.24
C THR C 180 26.60 -60.19 -22.38
N LEU C 181 27.11 -61.28 -22.92
CA LEU C 181 26.31 -62.50 -23.10
C LEU C 181 26.87 -63.62 -22.23
N THR C 182 26.41 -64.83 -22.50
CA THR C 182 26.89 -66.02 -21.80
C THR C 182 27.71 -66.72 -22.86
N LYS C 183 28.59 -67.60 -22.44
CA LYS C 183 29.44 -68.29 -23.39
C LYS C 183 28.68 -69.00 -24.52
N ASP C 184 27.70 -69.81 -24.16
CA ASP C 184 26.95 -70.54 -25.17
C ASP C 184 26.07 -69.71 -26.08
N GLU C 185 25.54 -68.59 -25.56
CA GLU C 185 24.73 -67.74 -26.41
C GLU C 185 25.67 -67.05 -27.39
N TYR C 186 26.87 -66.71 -26.92
CA TYR C 186 27.85 -66.04 -27.77
C TYR C 186 28.36 -66.94 -28.90
N GLU C 187 28.53 -68.23 -28.62
CA GLU C 187 29.00 -69.16 -29.63
C GLU C 187 27.84 -69.62 -30.52
N ARG C 188 26.65 -69.08 -30.27
CA ARG C 188 25.46 -69.43 -31.07
C ARG C 188 25.26 -68.51 -32.26
N HIS C 189 26.13 -67.52 -32.41
CA HIS C 189 26.03 -66.58 -33.51
C HIS C 189 27.39 -66.28 -34.08
N ASN C 190 27.44 -65.56 -35.19
CA ASN C 190 28.75 -65.30 -35.80
C ASN C 190 29.31 -63.88 -35.70
N SER C 191 28.72 -62.97 -36.45
CA SER C 191 29.21 -61.60 -36.50
C SER C 191 28.62 -60.58 -35.53
N TYR C 192 29.48 -60.02 -34.69
CA TYR C 192 29.06 -59.00 -33.75
C TYR C 192 29.50 -57.64 -34.30
N THR C 193 28.61 -56.66 -34.29
CA THR C 193 28.95 -55.35 -34.83
C THR C 193 28.68 -54.16 -33.89
N CYS C 194 29.49 -53.11 -34.00
CA CYS C 194 29.36 -51.88 -33.20
C CYS C 194 29.28 -50.70 -34.14
N GLU C 195 28.21 -49.91 -34.03
CA GLU C 195 28.01 -48.77 -34.92
C GLU C 195 27.99 -47.43 -34.23
N ALA C 196 28.91 -46.56 -34.61
CA ALA C 196 28.96 -45.25 -33.99
C ALA C 196 28.41 -44.19 -34.90
N THR C 197 27.29 -43.59 -34.50
CA THR C 197 26.67 -42.54 -35.29
C THR C 197 26.99 -41.18 -34.70
N HIS C 198 27.78 -40.39 -35.44
CA HIS C 198 28.19 -39.07 -34.97
C HIS C 198 27.87 -38.01 -36.03
N LYS C 199 27.75 -36.74 -35.60
CA LYS C 199 27.43 -35.67 -36.53
C LYS C 199 28.62 -35.37 -37.42
N THR C 200 29.78 -35.88 -37.04
CA THR C 200 31.00 -35.67 -37.80
C THR C 200 30.94 -36.43 -39.15
N SER C 201 29.72 -36.90 -39.47
CA SER C 201 29.45 -37.61 -40.72
C SER C 201 28.06 -38.24 -40.70
N THR C 202 27.62 -38.59 -41.88
CA THR C 202 26.32 -39.21 -42.04
C THR C 202 26.41 -40.72 -41.81
N SER C 203 27.23 -41.40 -42.61
CA SER C 203 27.42 -42.84 -42.50
C SER C 203 28.02 -43.28 -41.14
N PRO C 204 27.32 -44.14 -40.39
CA PRO C 204 27.83 -44.60 -39.10
C PRO C 204 29.18 -45.21 -39.32
N ILE C 205 30.03 -45.21 -38.30
CA ILE C 205 31.33 -45.85 -38.45
C ILE C 205 31.12 -47.26 -37.95
N VAL C 206 31.44 -48.24 -38.77
CA VAL C 206 31.16 -49.62 -38.37
C VAL C 206 32.35 -50.56 -38.17
N LYS C 207 32.41 -51.13 -36.97
CA LYS C 207 33.45 -52.08 -36.61
C LYS C 207 32.72 -53.30 -36.11
N SER C 208 33.26 -54.47 -36.43
CA SER C 208 32.68 -55.73 -36.04
C SER C 208 33.69 -56.81 -36.34
N PHE C 209 33.29 -58.05 -36.09
CA PHE C 209 34.15 -59.19 -36.30
C PHE C 209 33.32 -60.44 -36.29
N ASN C 210 33.84 -61.49 -36.92
CA ASN C 210 33.14 -62.76 -37.00
C ASN C 210 33.89 -63.78 -36.18
N ARG C 211 33.14 -64.51 -35.37
CA ARG C 211 33.75 -65.54 -34.56
C ARG C 211 34.35 -66.65 -35.43
N ASN C 212 33.75 -66.93 -36.59
CA ASN C 212 34.26 -67.98 -37.48
C ASN C 212 35.67 -67.65 -38.02
N GLU C 213 35.84 -66.42 -38.50
CA GLU C 213 37.14 -65.99 -39.02
C GLU C 213 38.13 -65.83 -37.84
N CYS C 214 37.65 -66.05 -36.62
CA CYS C 214 38.50 -65.93 -35.43
C CYS C 214 39.43 -67.15 -35.38
N GLU D 1 38.39 -18.79 9.26
CA GLU D 1 37.86 -19.46 8.05
C GLU D 1 36.82 -20.50 8.47
N VAL D 2 35.57 -20.30 8.07
CA VAL D 2 34.55 -21.28 8.44
C VAL D 2 34.88 -22.60 7.78
N GLN D 3 34.58 -23.68 8.50
CA GLN D 3 34.85 -25.02 7.99
C GLN D 3 33.67 -25.90 8.35
N LEU D 4 33.43 -26.93 7.54
CA LEU D 4 32.35 -27.88 7.79
C LEU D 4 32.77 -29.21 7.18
N GLN D 5 33.57 -29.99 7.93
CA GLN D 5 34.06 -31.30 7.46
C GLN D 5 33.01 -32.40 7.67
N GLN D 6 32.64 -33.09 6.59
CA GLN D 6 31.62 -34.13 6.65
C GLN D 6 32.19 -35.54 6.88
N SER D 7 31.30 -36.42 7.34
CA SER D 7 31.59 -37.82 7.61
C SER D 7 32.14 -38.54 6.38
N GLY D 8 32.76 -39.70 6.59
CA GLY D 8 33.31 -40.46 5.49
C GLY D 8 32.24 -41.16 4.67
N ALA D 9 32.59 -41.51 3.43
CA ALA D 9 31.66 -42.19 2.55
C ALA D 9 31.03 -43.38 3.28
N GLU D 10 29.77 -43.67 2.97
CA GLU D 10 29.06 -44.79 3.58
C GLU D 10 28.51 -45.80 2.59
N LEU D 11 28.45 -47.05 3.03
CA LEU D 11 27.97 -48.18 2.23
C LEU D 11 26.93 -48.91 3.09
N VAL D 12 25.67 -48.89 2.67
CA VAL D 12 24.63 -49.51 3.48
C VAL D 12 23.55 -50.28 2.74
N ARG D 13 23.20 -51.44 3.29
CA ARG D 13 22.16 -52.30 2.73
C ARG D 13 20.85 -51.51 2.68
N ALA D 14 20.05 -51.72 1.63
CA ALA D 14 18.77 -51.03 1.54
C ALA D 14 17.96 -51.53 2.73
N GLY D 15 16.97 -50.74 3.15
CA GLY D 15 16.15 -51.11 4.28
C GLY D 15 16.78 -50.65 5.59
N SER D 16 18.12 -50.68 5.64
CA SER D 16 18.84 -50.26 6.82
C SER D 16 18.89 -48.74 6.90
N SER D 17 19.79 -48.22 7.75
CA SER D 17 19.91 -46.78 7.94
C SER D 17 21.35 -46.32 8.16
N VAL D 18 21.55 -45.01 8.08
CA VAL D 18 22.86 -44.38 8.27
C VAL D 18 22.71 -42.95 8.82
N LYS D 19 23.70 -42.54 9.64
CA LYS D 19 23.74 -41.20 10.26
C LYS D 19 25.03 -40.53 9.81
N MET D 20 24.92 -39.47 9.01
CA MET D 20 26.14 -38.80 8.58
C MET D 20 26.40 -37.52 9.38
N SER D 21 27.67 -37.14 9.48
CA SER D 21 28.07 -35.94 10.24
C SER D 21 28.21 -34.64 9.46
N CYS D 22 28.72 -33.63 10.17
CA CYS D 22 29.01 -32.30 9.65
C CYS D 22 29.48 -31.42 10.82
N LYS D 23 30.78 -31.48 11.11
CA LYS D 23 31.38 -30.69 12.20
C LYS D 23 31.82 -29.32 11.72
N ALA D 24 31.27 -28.29 12.33
CA ALA D 24 31.57 -26.90 11.97
C ALA D 24 32.82 -26.37 12.69
N SER D 25 33.37 -25.27 12.20
CA SER D 25 34.55 -24.67 12.83
C SER D 25 34.75 -23.20 12.43
N GLY D 26 35.45 -22.46 13.31
CA GLY D 26 35.74 -21.05 13.05
C GLY D 26 34.58 -20.08 13.08
N TYR D 27 33.48 -20.43 13.73
CA TYR D 27 32.34 -19.55 13.80
C TYR D 27 31.36 -20.05 14.85
N THR D 28 30.46 -19.19 15.32
CA THR D 28 29.47 -19.57 16.34
C THR D 28 28.49 -20.61 15.82
N PHE D 29 28.77 -21.87 16.15
CA PHE D 29 27.93 -22.97 15.70
C PHE D 29 26.46 -22.72 15.93
N THR D 30 26.11 -22.29 17.13
CA THR D 30 24.73 -22.00 17.46
C THR D 30 24.11 -20.85 16.70
N SER D 31 24.94 -19.96 16.17
CA SER D 31 24.43 -18.78 15.48
C SER D 31 23.94 -18.96 14.06
N TYR D 32 24.21 -20.11 13.44
CA TYR D 32 23.74 -20.30 12.08
C TYR D 32 23.12 -21.65 11.81
N GLY D 33 22.11 -21.66 10.94
CA GLY D 33 21.44 -22.90 10.57
C GLY D 33 22.34 -23.82 9.75
N ILE D 34 21.88 -25.04 9.53
CA ILE D 34 22.62 -26.03 8.77
C ILE D 34 21.64 -26.72 7.85
N ASN D 35 21.85 -26.60 6.55
CA ASN D 35 20.98 -27.26 5.60
C ASN D 35 21.63 -28.52 5.07
N TRP D 36 20.82 -29.37 4.44
CA TRP D 36 21.30 -30.62 3.87
C TRP D 36 20.76 -30.70 2.48
N VAL D 37 21.67 -30.88 1.53
CA VAL D 37 21.33 -30.98 0.14
C VAL D 37 21.72 -32.34 -0.42
N LYS D 38 20.86 -32.89 -1.28
CA LYS D 38 21.11 -34.20 -1.87
C LYS D 38 21.37 -34.03 -3.33
N GLN D 39 22.38 -34.73 -3.83
CA GLN D 39 22.70 -34.69 -5.25
C GLN D 39 22.94 -36.08 -5.82
N ARG D 40 22.02 -36.48 -6.68
CA ARG D 40 22.13 -37.77 -7.35
C ARG D 40 22.71 -37.52 -8.74
N PRO D 41 23.56 -38.44 -9.24
CA PRO D 41 24.20 -38.33 -10.56
C PRO D 41 23.28 -37.61 -11.53
N GLY D 42 21.99 -37.89 -11.35
CA GLY D 42 20.95 -37.29 -12.16
C GLY D 42 20.97 -35.79 -12.03
N GLN D 43 19.80 -35.22 -11.82
CA GLN D 43 19.67 -33.77 -11.74
C GLN D 43 20.44 -33.04 -10.66
N GLY D 44 20.02 -31.79 -10.53
CA GLY D 44 20.61 -30.90 -9.58
C GLY D 44 20.63 -31.35 -8.15
N LEU D 45 20.40 -30.35 -7.30
CA LEU D 45 20.45 -30.50 -5.88
C LEU D 45 19.09 -30.38 -5.24
N GLU D 46 18.77 -31.33 -4.38
CA GLU D 46 17.49 -31.31 -3.67
C GLU D 46 17.76 -30.79 -2.27
N TRP D 47 16.86 -29.95 -1.75
CA TRP D 47 17.02 -29.43 -0.41
C TRP D 47 16.41 -30.42 0.55
N ILE D 48 17.24 -31.08 1.35
CA ILE D 48 16.71 -32.04 2.29
C ILE D 48 15.91 -31.29 3.34
N GLY D 49 16.60 -30.57 4.22
CA GLY D 49 15.94 -29.83 5.28
C GLY D 49 16.79 -28.79 5.98
N TYR D 50 16.31 -28.28 7.11
CA TYR D 50 17.06 -27.27 7.87
C TYR D 50 17.00 -27.49 9.40
N ILE D 51 18.09 -27.15 10.10
CA ILE D 51 18.16 -27.29 11.56
C ILE D 51 18.96 -26.16 12.22
N ASN D 52 18.37 -25.51 13.23
CA ASN D 52 19.09 -24.45 13.94
C ASN D 52 19.68 -25.06 15.19
N PRO D 53 21.01 -25.08 15.27
CA PRO D 53 21.69 -25.65 16.44
C PRO D 53 21.27 -25.04 17.79
N GLY D 54 20.90 -23.76 17.81
CA GLY D 54 20.49 -23.12 19.05
C GLY D 54 19.31 -23.76 19.76
N ASN D 55 18.15 -23.76 19.10
CA ASN D 55 16.95 -24.35 19.65
C ASN D 55 16.90 -25.82 19.26
N GLY D 56 16.97 -26.08 17.96
CA GLY D 56 16.92 -27.44 17.46
C GLY D 56 15.77 -27.50 16.49
N TYR D 57 15.13 -26.35 16.30
CA TYR D 57 14.01 -26.22 15.39
C TYR D 57 14.45 -26.76 14.06
N THR D 58 13.79 -27.83 13.63
CA THR D 58 14.14 -28.43 12.36
C THR D 58 12.94 -28.29 11.45
N LYS D 59 13.22 -28.11 10.16
CA LYS D 59 12.19 -27.95 9.14
C LYS D 59 12.54 -28.86 7.96
N TYR D 60 11.58 -29.68 7.53
CA TYR D 60 11.83 -30.61 6.44
C TYR D 60 11.05 -30.34 5.18
N ASN D 61 11.58 -30.86 4.09
CA ASN D 61 10.95 -30.74 2.80
C ASN D 61 10.13 -32.02 2.78
N GLU D 62 8.81 -31.85 2.77
CA GLU D 62 7.89 -32.99 2.78
C GLU D 62 8.18 -34.16 1.82
N LYS D 63 9.27 -34.09 1.08
CA LYS D 63 9.59 -35.21 0.20
C LYS D 63 10.47 -36.14 1.02
N PHE D 64 11.38 -35.55 1.79
CA PHE D 64 12.28 -36.33 2.60
C PHE D 64 11.79 -36.57 4.01
N LYS D 65 10.75 -35.87 4.40
CA LYS D 65 10.23 -36.03 5.76
C LYS D 65 9.65 -37.42 5.90
N GLY D 66 9.84 -38.00 7.09
CA GLY D 66 9.36 -39.35 7.33
C GLY D 66 10.53 -40.30 7.49
N LYS D 67 11.52 -40.16 6.61
CA LYS D 67 12.69 -41.00 6.67
C LYS D 67 13.92 -40.17 7.07
N THR D 68 13.76 -38.86 7.22
CA THR D 68 14.89 -37.99 7.55
C THR D 68 14.79 -37.28 8.90
N THR D 69 15.90 -37.27 9.64
CA THR D 69 15.90 -36.64 10.94
C THR D 69 17.21 -35.89 11.25
N LEU D 70 17.16 -34.58 11.15
CA LEU D 70 18.34 -33.77 11.42
C LEU D 70 18.43 -33.57 12.91
N THR D 71 19.63 -33.72 13.44
CA THR D 71 19.88 -33.52 14.87
C THR D 71 21.17 -32.72 15.02
N VAL D 72 21.53 -32.40 16.25
CA VAL D 72 22.74 -31.63 16.48
C VAL D 72 23.38 -31.90 17.85
N ASP D 73 24.67 -31.61 17.96
CA ASP D 73 25.43 -31.80 19.20
C ASP D 73 26.13 -30.47 19.50
N LYS D 74 25.38 -29.54 20.06
CA LYS D 74 25.87 -28.20 20.39
C LYS D 74 27.09 -28.24 21.30
N SER D 75 27.77 -29.37 21.34
CA SER D 75 28.94 -29.49 22.18
C SER D 75 30.19 -29.59 21.35
N SER D 76 30.14 -30.36 20.28
CA SER D 76 31.29 -30.53 19.40
C SER D 76 30.93 -29.88 18.08
N SER D 77 30.00 -28.93 18.16
CA SER D 77 29.52 -28.18 17.01
C SER D 77 29.49 -29.11 15.81
N THR D 78 28.51 -30.02 15.82
CA THR D 78 28.35 -30.97 14.74
C THR D 78 26.86 -31.26 14.59
N ALA D 79 26.40 -31.29 13.35
CA ALA D 79 25.01 -31.57 13.05
C ALA D 79 24.93 -32.94 12.40
N TYR D 80 23.78 -33.60 12.53
CA TYR D 80 23.60 -34.92 11.95
C TYR D 80 22.33 -35.08 11.15
N MET D 81 22.40 -35.98 10.19
CA MET D 81 21.27 -36.32 9.36
C MET D 81 21.24 -37.84 9.35
N GLN D 82 20.08 -38.39 9.67
CA GLN D 82 19.90 -39.83 9.71
C GLN D 82 18.92 -40.18 8.61
N LEU D 83 19.20 -41.27 7.90
CA LEU D 83 18.35 -41.73 6.79
C LEU D 83 17.80 -43.14 7.08
N ARG D 84 16.47 -43.28 7.07
CA ARG D 84 15.82 -44.56 7.35
C ARG D 84 15.16 -45.22 6.15
N SER D 85 15.03 -46.54 6.23
CA SER D 85 14.44 -47.35 5.18
C SER D 85 14.98 -46.94 3.83
N LEU D 86 16.30 -47.02 3.73
CA LEU D 86 17.04 -46.67 2.54
C LEU D 86 16.74 -47.57 1.34
N THR D 87 16.74 -46.95 0.16
CA THR D 87 16.50 -47.65 -1.09
C THR D 87 17.54 -47.16 -2.09
N SER D 88 17.40 -47.55 -3.34
CA SER D 88 18.34 -47.15 -4.39
C SER D 88 18.32 -45.64 -4.63
N GLU D 89 17.13 -45.08 -4.66
CA GLU D 89 17.01 -43.66 -4.90
C GLU D 89 17.79 -42.86 -3.86
N ASP D 90 18.03 -43.47 -2.70
CA ASP D 90 18.77 -42.80 -1.63
C ASP D 90 20.28 -42.82 -1.78
N SER D 91 20.81 -43.44 -2.82
CA SER D 91 22.25 -43.42 -2.97
C SER D 91 22.55 -42.11 -3.71
N ALA D 92 23.54 -41.38 -3.23
CA ALA D 92 23.92 -40.11 -3.82
C ALA D 92 24.91 -39.50 -2.87
N VAL D 93 25.25 -38.24 -3.13
CA VAL D 93 26.19 -37.51 -2.27
C VAL D 93 25.33 -36.49 -1.55
N TYR D 94 25.61 -36.28 -0.27
CA TYR D 94 24.84 -35.34 0.54
C TYR D 94 25.72 -34.25 1.09
N PHE D 95 25.26 -33.01 1.02
CA PHE D 95 26.03 -31.90 1.53
C PHE D 95 25.34 -31.27 2.72
N CYS D 96 26.11 -30.55 3.52
CA CYS D 96 25.56 -29.81 4.64
C CYS D 96 26.22 -28.47 4.46
N ALA D 97 25.43 -27.41 4.53
CA ALA D 97 25.96 -26.07 4.36
C ALA D 97 25.41 -25.12 5.43
N ARG D 98 26.05 -23.97 5.59
CA ARG D 98 25.61 -23.00 6.58
C ARG D 98 24.61 -21.99 6.00
N SER D 99 23.67 -21.53 6.84
CA SER D 99 22.66 -20.56 6.42
C SER D 99 23.00 -19.18 6.95
N VAL D 100 22.64 -18.16 6.19
CA VAL D 100 22.89 -16.78 6.59
C VAL D 100 21.68 -15.95 6.25
N TYR D 101 21.43 -14.93 7.08
CA TYR D 101 20.31 -14.02 6.86
C TYR D 101 20.95 -12.73 6.34
N TYR D 102 20.44 -12.24 5.22
CA TYR D 102 20.98 -11.03 4.60
C TYR D 102 20.07 -9.85 4.82
N GLY D 103 18.85 -10.09 4.36
CA GLY D 103 17.75 -9.15 4.41
C GLY D 103 16.73 -9.90 3.58
N GLY D 104 15.69 -10.41 4.22
CA GLY D 104 14.67 -11.15 3.51
C GLY D 104 14.87 -12.65 3.67
N SER D 105 15.42 -13.28 2.64
CA SER D 105 15.64 -14.71 2.69
C SER D 105 17.11 -15.06 2.90
N TYR D 106 17.34 -16.26 3.41
CA TYR D 106 18.67 -16.79 3.69
C TYR D 106 19.36 -17.37 2.45
N TYR D 107 20.61 -17.78 2.61
CA TYR D 107 21.37 -18.42 1.53
C TYR D 107 22.54 -19.24 2.10
N PHE D 108 23.05 -20.18 1.32
CA PHE D 108 24.14 -21.05 1.76
C PHE D 108 25.52 -20.53 1.36
N ASP D 109 26.25 -19.97 2.32
CA ASP D 109 27.56 -19.44 2.02
C ASP D 109 28.70 -20.44 2.15
N TYR D 110 28.55 -21.44 3.01
CA TYR D 110 29.62 -22.44 3.16
C TYR D 110 29.17 -23.89 3.13
N TRP D 111 29.79 -24.66 2.26
CA TRP D 111 29.44 -26.08 2.12
C TRP D 111 30.53 -27.00 2.63
N GLY D 112 30.15 -28.26 2.84
CA GLY D 112 31.11 -29.26 3.30
C GLY D 112 31.59 -29.96 2.04
N GLN D 113 32.56 -30.87 2.13
CA GLN D 113 33.03 -31.55 0.91
C GLN D 113 32.01 -32.56 0.38
N GLY D 114 31.02 -32.86 1.20
CA GLY D 114 30.00 -33.80 0.78
C GLY D 114 30.27 -35.20 1.30
N THR D 115 29.22 -36.02 1.36
CA THR D 115 29.34 -37.39 1.81
C THR D 115 28.67 -38.30 0.82
N THR D 116 29.41 -39.32 0.40
CA THR D 116 28.94 -40.28 -0.58
C THR D 116 28.30 -41.50 0.07
N LEU D 117 27.08 -41.82 -0.35
CA LEU D 117 26.37 -42.96 0.19
C LEU D 117 25.99 -43.86 -0.94
N THR D 118 26.47 -45.09 -0.86
CA THR D 118 26.17 -46.12 -1.86
C THR D 118 25.29 -47.18 -1.17
N VAL D 119 24.10 -47.43 -1.72
CA VAL D 119 23.17 -48.39 -1.14
C VAL D 119 23.14 -49.75 -1.83
N SER D 120 23.97 -50.68 -1.36
CA SER D 120 24.09 -52.03 -1.93
C SER D 120 24.17 -53.16 -0.89
N SER D 121 24.35 -54.39 -1.35
CA SER D 121 24.46 -55.53 -0.44
C SER D 121 25.76 -56.26 -0.66
N ALA D 122 26.34 -56.08 -1.83
CA ALA D 122 27.60 -56.72 -2.17
C ALA D 122 28.66 -56.55 -1.07
N LYS D 123 29.74 -57.30 -1.20
CA LYS D 123 30.84 -57.24 -0.24
C LYS D 123 32.14 -57.03 -0.97
N THR D 124 33.18 -56.63 -0.24
CA THR D 124 34.45 -56.44 -0.91
C THR D 124 34.63 -57.71 -1.74
N THR D 125 34.79 -57.52 -3.04
CA THR D 125 34.98 -58.63 -3.93
C THR D 125 35.87 -58.09 -5.05
N PRO D 126 36.97 -58.79 -5.33
CA PRO D 126 37.97 -58.44 -6.35
C PRO D 126 37.47 -58.45 -7.78
N PRO D 127 38.25 -57.90 -8.71
CA PRO D 127 37.74 -57.93 -10.08
C PRO D 127 38.51 -58.86 -10.99
N SER D 128 37.81 -59.44 -11.94
CA SER D 128 38.45 -60.31 -12.92
C SER D 128 38.94 -59.39 -14.01
N VAL D 129 40.22 -59.43 -14.29
CA VAL D 129 40.72 -58.58 -15.34
C VAL D 129 40.84 -59.38 -16.61
N TYR D 130 40.13 -58.92 -17.62
CA TYR D 130 40.11 -59.55 -18.93
C TYR D 130 40.77 -58.64 -19.94
N PRO D 131 41.78 -59.15 -20.66
CA PRO D 131 42.49 -58.37 -21.67
C PRO D 131 41.67 -58.20 -22.95
N LEU D 132 41.82 -57.04 -23.59
CA LEU D 132 41.11 -56.73 -24.84
C LEU D 132 42.12 -56.61 -25.95
N ALA D 133 42.26 -57.67 -26.73
CA ALA D 133 43.19 -57.68 -27.86
C ALA D 133 42.38 -57.69 -29.14
N PRO D 134 42.87 -57.02 -30.20
CA PRO D 134 42.12 -57.01 -31.46
C PRO D 134 41.90 -58.46 -31.92
N GLY D 135 40.79 -58.70 -32.60
CA GLY D 135 40.49 -60.06 -33.06
C GLY D 135 41.45 -60.62 -34.10
N SER D 142 48.53 -47.69 -38.50
CA SER D 142 49.71 -47.17 -37.81
C SER D 142 49.50 -47.11 -36.28
N MET D 143 48.26 -46.90 -35.87
CA MET D 143 47.95 -46.81 -34.44
C MET D 143 46.96 -47.88 -33.99
N VAL D 144 47.32 -48.62 -32.93
CA VAL D 144 46.48 -49.68 -32.39
C VAL D 144 45.98 -49.42 -30.99
N THR D 145 44.69 -49.61 -30.77
CA THR D 145 44.17 -49.45 -29.43
C THR D 145 44.04 -50.83 -28.83
N LEU D 146 44.23 -50.89 -27.52
CA LEU D 146 44.16 -52.11 -26.76
C LEU D 146 43.40 -51.76 -25.52
N GLY D 147 42.75 -52.74 -24.91
CA GLY D 147 41.97 -52.43 -23.74
C GLY D 147 42.18 -53.44 -22.65
N CYS D 148 41.30 -53.38 -21.67
CA CYS D 148 41.39 -54.27 -20.54
C CYS D 148 40.06 -54.06 -19.78
N LEU D 149 39.39 -55.16 -19.43
CA LEU D 149 38.10 -55.10 -18.78
C LEU D 149 38.11 -55.52 -17.32
N VAL D 150 37.58 -54.65 -16.46
CA VAL D 150 37.50 -54.91 -15.03
C VAL D 150 36.05 -55.24 -14.68
N LYS D 151 35.78 -56.52 -14.51
CA LYS D 151 34.42 -56.96 -14.26
C LYS D 151 34.14 -57.67 -12.94
N GLY D 152 32.94 -57.39 -12.41
CA GLY D 152 32.47 -58.01 -11.19
C GLY D 152 33.16 -57.72 -9.89
N TYR D 153 33.41 -56.43 -9.62
CA TYR D 153 34.06 -56.05 -8.38
C TYR D 153 33.20 -55.10 -7.58
N PHE D 154 33.43 -55.14 -6.28
CA PHE D 154 32.72 -54.29 -5.36
C PHE D 154 33.59 -54.22 -4.12
N PRO D 155 33.74 -53.02 -3.54
CA PRO D 155 33.11 -51.80 -4.05
C PRO D 155 34.16 -50.96 -4.78
N GLU D 156 33.81 -49.74 -5.18
CA GLU D 156 34.78 -48.86 -5.84
C GLU D 156 35.74 -48.48 -4.72
N PRO D 157 36.91 -47.97 -5.06
CA PRO D 157 37.40 -47.72 -6.39
C PRO D 157 38.30 -48.82 -6.91
N VAL D 158 38.82 -48.58 -8.10
CA VAL D 158 39.69 -49.49 -8.81
C VAL D 158 40.64 -48.59 -9.58
N THR D 159 41.94 -48.80 -9.38
CA THR D 159 42.99 -48.01 -10.04
C THR D 159 43.51 -48.75 -11.25
N VAL D 160 43.66 -48.04 -12.36
CA VAL D 160 44.17 -48.67 -13.57
C VAL D 160 45.20 -47.86 -14.34
N THR D 161 46.40 -48.40 -14.46
CA THR D 161 47.45 -47.74 -15.22
C THR D 161 47.94 -48.75 -16.27
N TRP D 162 48.86 -48.32 -17.12
CA TRP D 162 49.38 -49.21 -18.13
C TRP D 162 50.89 -49.20 -18.14
N ASN D 163 51.47 -50.36 -17.90
CA ASN D 163 52.91 -50.45 -17.86
C ASN D 163 53.28 -49.48 -16.74
N SER D 164 52.76 -49.76 -15.55
CA SER D 164 53.02 -48.95 -14.35
C SER D 164 53.09 -47.44 -14.53
N GLY D 165 52.51 -46.94 -15.61
CA GLY D 165 52.51 -45.51 -15.84
C GLY D 165 53.21 -45.01 -17.09
N SER D 166 54.26 -45.70 -17.54
CA SER D 166 55.00 -45.28 -18.72
C SER D 166 54.07 -44.90 -19.86
N LEU D 167 52.94 -45.58 -19.97
CA LEU D 167 51.98 -45.30 -21.02
C LEU D 167 50.88 -44.36 -20.52
N SER D 168 51.23 -43.12 -20.19
CA SER D 168 50.24 -42.14 -19.71
C SER D 168 49.30 -41.71 -20.83
N SER D 169 49.86 -41.10 -21.87
CA SER D 169 49.06 -40.64 -23.00
C SER D 169 48.35 -41.78 -23.76
N GLY D 170 47.23 -41.45 -24.40
CA GLY D 170 46.46 -42.43 -25.16
C GLY D 170 45.57 -43.33 -24.32
N VAL D 171 45.58 -43.09 -23.01
CA VAL D 171 44.79 -43.89 -22.09
C VAL D 171 43.46 -43.24 -21.74
N HIS D 172 42.47 -44.07 -21.49
CA HIS D 172 41.14 -43.63 -21.13
C HIS D 172 40.59 -44.69 -20.20
N THR D 173 40.32 -44.31 -18.95
CA THR D 173 39.73 -45.25 -18.00
C THR D 173 38.32 -44.72 -17.73
N PHE D 174 37.34 -45.51 -18.17
CA PHE D 174 35.93 -45.19 -18.08
C PHE D 174 35.28 -45.42 -16.73
N PRO D 175 34.34 -44.55 -16.37
CA PRO D 175 33.64 -44.66 -15.10
C PRO D 175 33.08 -46.05 -15.01
N ALA D 176 32.91 -46.55 -13.79
CA ALA D 176 32.37 -47.91 -13.60
C ALA D 176 30.88 -47.87 -13.72
N VAL D 177 30.28 -49.05 -13.89
CA VAL D 177 28.83 -49.15 -13.97
C VAL D 177 28.46 -50.29 -13.07
N LEU D 178 27.18 -50.37 -12.73
CA LEU D 178 26.71 -51.43 -11.88
C LEU D 178 26.01 -52.42 -12.79
N GLN D 179 26.57 -53.61 -12.87
CA GLN D 179 26.03 -54.69 -13.68
C GLN D 179 25.10 -55.52 -12.79
N SER D 180 25.56 -56.70 -12.41
CA SER D 180 24.77 -57.59 -11.56
C SER D 180 25.08 -57.30 -10.11
N ASP D 181 24.51 -56.20 -9.60
CA ASP D 181 24.75 -55.78 -8.23
C ASP D 181 26.25 -55.84 -8.00
N LEU D 182 27.00 -55.45 -9.03
CA LEU D 182 28.46 -55.43 -9.02
C LEU D 182 29.00 -54.45 -10.06
N TYR D 183 30.18 -53.91 -9.79
CA TYR D 183 30.79 -52.93 -10.69
C TYR D 183 31.63 -53.53 -11.81
N THR D 184 31.65 -52.84 -12.95
CA THR D 184 32.44 -53.23 -14.13
C THR D 184 32.88 -51.94 -14.82
N LEU D 185 34.16 -51.87 -15.22
CA LEU D 185 34.66 -50.69 -15.92
C LEU D 185 35.67 -51.19 -16.92
N SER D 186 36.04 -50.34 -17.86
CA SER D 186 36.96 -50.70 -18.91
C SER D 186 38.01 -49.63 -19.06
N SER D 187 39.10 -49.92 -19.75
CA SER D 187 40.17 -48.94 -19.97
C SER D 187 40.88 -49.19 -21.29
N SER D 188 41.12 -48.12 -22.04
CA SER D 188 41.78 -48.23 -23.34
C SER D 188 43.07 -47.42 -23.46
N VAL D 189 44.01 -47.94 -24.25
CA VAL D 189 45.27 -47.24 -24.46
C VAL D 189 45.63 -47.30 -25.95
N THR D 190 46.35 -46.30 -26.43
CA THR D 190 46.73 -46.26 -27.84
C THR D 190 48.23 -46.11 -28.04
N VAL D 191 48.82 -47.08 -28.73
CA VAL D 191 50.25 -47.05 -28.99
C VAL D 191 50.43 -47.28 -30.48
N PRO D 192 51.60 -46.91 -31.01
CA PRO D 192 51.89 -47.08 -32.45
C PRO D 192 51.91 -48.58 -32.77
N SER D 193 51.78 -48.94 -34.03
CA SER D 193 51.79 -50.35 -34.41
C SER D 193 53.10 -51.05 -34.08
N SER D 194 54.21 -50.33 -34.22
CA SER D 194 55.51 -50.93 -33.91
C SER D 194 55.59 -51.41 -32.46
N PRO D 195 55.03 -50.65 -31.48
CA PRO D 195 55.04 -51.01 -30.05
C PRO D 195 54.42 -52.34 -29.64
N ARG D 196 53.32 -52.71 -30.29
CA ARG D 196 52.65 -53.95 -29.95
C ARG D 196 52.24 -54.62 -31.23
N PRO D 197 52.33 -55.94 -31.26
CA PRO D 197 52.77 -56.88 -30.22
C PRO D 197 54.29 -56.89 -29.97
N SER D 198 55.01 -56.05 -30.71
CA SER D 198 56.46 -55.94 -30.56
C SER D 198 56.93 -55.93 -29.10
N GLU D 199 56.47 -54.94 -28.33
CA GLU D 199 56.84 -54.80 -26.92
C GLU D 199 55.75 -55.33 -26.01
N THR D 200 55.91 -55.10 -24.72
CA THR D 200 54.95 -55.58 -23.74
C THR D 200 54.01 -54.48 -23.23
N VAL D 201 52.69 -54.66 -23.43
CA VAL D 201 51.69 -53.68 -22.95
C VAL D 201 50.85 -54.34 -21.85
N THR D 202 50.76 -53.69 -20.70
CA THR D 202 49.99 -54.27 -19.60
C THR D 202 49.14 -53.26 -18.84
N CYS D 203 48.04 -53.75 -18.27
CA CYS D 203 47.16 -52.91 -17.47
C CYS D 203 47.33 -53.36 -16.03
N ASN D 204 47.73 -52.42 -15.18
CA ASN D 204 47.94 -52.71 -13.79
C ASN D 204 46.67 -52.26 -13.11
N VAL D 205 45.87 -53.21 -12.66
CA VAL D 205 44.63 -52.84 -11.98
C VAL D 205 44.75 -53.13 -10.48
N ALA D 206 44.29 -52.16 -9.69
CA ALA D 206 44.37 -52.28 -8.24
C ALA D 206 42.98 -52.17 -7.67
N HIS D 207 42.71 -52.99 -6.66
CA HIS D 207 41.41 -52.96 -6.00
C HIS D 207 41.67 -53.03 -4.50
N PRO D 208 41.93 -51.87 -3.88
CA PRO D 208 42.21 -51.76 -2.46
C PRO D 208 41.34 -52.58 -1.50
N ALA D 209 40.02 -52.38 -1.55
CA ALA D 209 39.12 -53.10 -0.64
C ALA D 209 39.38 -54.59 -0.58
N SER D 210 39.85 -55.17 -1.68
CA SER D 210 40.12 -56.61 -1.72
C SER D 210 41.61 -56.85 -1.50
N SER D 211 42.37 -55.77 -1.55
CA SER D 211 43.81 -55.82 -1.40
C SER D 211 44.35 -56.63 -2.57
N THR D 212 43.79 -56.37 -3.75
CA THR D 212 44.21 -57.04 -4.97
C THR D 212 44.96 -56.14 -5.92
N LYS D 213 46.06 -56.66 -6.44
CA LYS D 213 46.87 -55.96 -7.41
C LYS D 213 47.05 -57.04 -8.48
N VAL D 214 46.81 -56.70 -9.74
CA VAL D 214 46.92 -57.68 -10.82
C VAL D 214 47.47 -57.10 -12.10
N ASP D 215 48.40 -57.80 -12.71
CA ASP D 215 48.97 -57.34 -13.95
C ASP D 215 48.52 -58.30 -15.05
N LYS D 216 47.93 -57.76 -16.10
CA LYS D 216 47.47 -58.57 -17.23
C LYS D 216 48.15 -58.03 -18.47
N LYS D 217 48.88 -58.92 -19.15
CA LYS D 217 49.61 -58.57 -20.38
C LYS D 217 48.73 -58.80 -21.60
N ILE D 218 48.62 -57.80 -22.46
CA ILE D 218 47.79 -57.93 -23.65
C ILE D 218 48.52 -58.60 -24.83
N VAL D 219 48.26 -59.89 -25.00
CA VAL D 219 48.85 -60.69 -26.06
C VAL D 219 47.95 -60.70 -27.31
N PRO D 220 48.53 -60.85 -28.55
CA PRO D 220 47.81 -60.87 -29.86
C PRO D 220 46.93 -62.10 -29.93
N ARG D 221 45.61 -61.92 -30.10
CA ARG D 221 44.74 -63.09 -29.93
C ARG D 221 45.81 -64.10 -29.50
N ASP D 222 46.21 -63.80 -28.27
CA ASP D 222 47.30 -64.42 -27.55
C ASP D 222 48.76 -64.69 -27.90
N GLY E 3 -0.64 -23.33 7.69
CA GLY E 3 0.40 -24.36 7.32
C GLY E 3 1.57 -24.27 8.29
N ASP E 4 2.19 -25.38 8.69
CA ASP E 4 3.28 -25.12 9.62
C ASP E 4 4.31 -24.46 8.79
N ASN E 5 5.50 -24.27 9.33
CA ASN E 5 6.43 -23.58 8.52
C ASN E 5 7.35 -22.64 9.12
N LEU E 6 8.22 -22.44 8.16
CA LEU E 6 9.28 -21.55 8.11
C LEU E 6 10.46 -21.58 8.97
N THR E 7 11.30 -20.66 8.56
CA THR E 7 12.60 -20.54 9.10
C THR E 7 12.85 -19.46 10.15
N ASN E 8 14.09 -19.46 10.63
CA ASN E 8 14.57 -18.56 11.70
C ASN E 8 15.69 -17.64 11.24
N HIS E 9 15.65 -16.38 11.73
CA HIS E 9 16.69 -15.42 11.34
C HIS E 9 17.84 -15.31 12.29
N ASN E 10 17.61 -14.47 13.27
CA ASN E 10 18.57 -14.11 14.27
C ASN E 10 18.34 -12.61 14.36
N LEU E 11 18.74 -12.00 15.45
CA LEU E 11 18.69 -10.56 15.40
C LEU E 11 20.19 -10.22 15.20
N ARG E 12 21.01 -11.28 15.22
CA ARG E 12 22.45 -11.18 14.97
C ARG E 12 23.11 -12.56 14.78
#